data_4N39
#
_entry.id   4N39
#
_cell.length_a   101.170
_cell.length_b   101.170
_cell.length_c   131.730
_cell.angle_alpha   90.000
_cell.angle_beta   90.000
_cell.angle_gamma   120.000
#
_symmetry.space_group_name_H-M   'P 32 2 1'
#
loop_
_entity.id
_entity.type
_entity.pdbx_description
1 polymer 'UDP-N-acetylglucosamine--peptide N-acetylglucosaminyltransferase 110 kDa subunit'
2 polymer 'Host cell factor 1'
3 non-polymer "URIDINE-5'-DIPHOSPHATE"
4 water water
#
loop_
_entity_poly.entity_id
_entity_poly.type
_entity_poly.pdbx_seq_one_letter_code
_entity_poly.pdbx_strand_id
1 'polypeptide(L)'
;GPGSCPTHADSLNNLANIKREQGNIEEAVRLYRKALEVFPEFAAAHSNLASVLQQQGKLQEALMHYKEAIRISPTFADAY
SNMGNTLKEMQDVQGALQCYTRAIQINPAFADAHSNLASIHKDSGNIPEAIASYRTALKLKPDFPDAYCNLAHCLQIVCD
WTDYDERMKKLVSIVADQLEKNRLPSVHPHHSMLYPLSHGFRKAIAERHGNLCLDKINVLHKPPYEHPKDLKLSDGRLRV
GYVSSDFGNHPTSHLMQSIPGMHNPDKFEVFCYALSPDDGTNFRVKVMAEANHFIDLSQIPCNGKAADRIHQDGIHILVN
MNGYTKGARNELFALRPAPIQAMWLGYPGTSGALFMDYIITDQETSPAEVAEQYSEKLAYMPHTFFIGDHANMFPHLKKK
AVIDFKSNGHIYDNRIVLNGIDLKAFLDSLPDVKIVKMKCPDGGDNADSSNTALNMPVIPMNTIAEAVIEMINRGQIQIT
INGFSISNGLATTQINNKAATGEEVPRTIIVTTRSQYGLPEDAIVYCNFNQLYKIDPSTLQMWANILKRVPNSVLWLLRF
PAVGEPNIQQYAQNMGLPQNRIIFSPVAPKEEHVRRGQLADVCLDTPLCNGHTTGMDVLWAGTPMVTMPGETLASRVAAS
QLTCLGCLELIAKNRQEYEDIAVKLGTDLEYLKKVRGKVWKQRISSPLFNTKQYTMELERLYLQMWEHYAAGNKPDHMIK
PVE
;
A
2 'polypeptide(L)' THETGTTNTATTATSN B
#
# COMPACT_ATOMS: atom_id res chain seq x y z
N CYS A 5 -27.35 -37.37 -23.82
CA CYS A 5 -28.60 -36.73 -23.45
C CYS A 5 -28.38 -35.29 -22.99
N PRO A 6 -28.46 -34.34 -23.92
CA PRO A 6 -28.30 -32.93 -23.57
C PRO A 6 -29.32 -32.50 -22.52
N THR A 7 -30.47 -33.16 -22.48
CA THR A 7 -31.49 -32.78 -21.52
C THR A 7 -31.08 -33.11 -20.10
N HIS A 8 -30.58 -34.32 -19.88
CA HIS A 8 -30.12 -34.71 -18.56
C HIS A 8 -28.88 -33.91 -18.17
N ALA A 9 -27.95 -33.75 -19.11
CA ALA A 9 -26.73 -32.98 -18.85
C ALA A 9 -27.08 -31.55 -18.46
N ASP A 10 -28.08 -30.99 -19.13
CA ASP A 10 -28.55 -29.65 -18.84
C ASP A 10 -29.05 -29.53 -17.40
N SER A 11 -29.76 -30.56 -16.94
N SER A 11 -29.76 -30.56 -16.94
CA SER A 11 -30.24 -30.58 -15.57
CA SER A 11 -30.24 -30.57 -15.57
C SER A 11 -29.07 -30.59 -14.58
C SER A 11 -29.08 -30.60 -14.57
N LEU A 12 -28.08 -31.43 -14.86
CA LEU A 12 -26.88 -31.52 -14.04
C LEU A 12 -26.11 -30.20 -14.04
N ASN A 13 -25.98 -29.59 -15.22
CA ASN A 13 -25.32 -28.30 -15.34
C ASN A 13 -25.99 -27.23 -14.48
N ASN A 14 -27.32 -27.15 -14.56
CA ASN A 14 -28.08 -26.20 -13.78
C ASN A 14 -27.94 -26.45 -12.28
N LEU A 15 -27.94 -27.72 -11.89
CA LEU A 15 -27.77 -28.07 -10.48
C LEU A 15 -26.37 -27.70 -10.00
N ALA A 16 -25.38 -27.92 -10.86
CA ALA A 16 -24.01 -27.52 -10.57
C ALA A 16 -23.91 -26.00 -10.37
N ASN A 17 -24.54 -25.25 -11.26
CA ASN A 17 -24.58 -23.80 -11.11
C ASN A 17 -25.13 -23.39 -9.74
N ILE A 18 -26.20 -24.03 -9.31
CA ILE A 18 -26.80 -23.71 -8.01
C ILE A 18 -25.84 -24.01 -6.87
N LYS A 19 -25.22 -25.19 -6.89
CA LYS A 19 -24.25 -25.56 -5.86
C LYS A 19 -23.09 -24.58 -5.84
N ARG A 20 -22.65 -24.16 -7.02
CA ARG A 20 -21.58 -23.19 -7.18
C ARG A 20 -21.93 -21.89 -6.46
N GLU A 21 -23.15 -21.42 -6.67
CA GLU A 21 -23.63 -20.19 -6.05
C GLU A 21 -23.66 -20.31 -4.53
N GLN A 22 -23.87 -21.54 -4.05
CA GLN A 22 -23.99 -21.80 -2.63
C GLN A 22 -22.63 -21.98 -1.97
N GLY A 23 -21.56 -21.87 -2.76
CA GLY A 23 -20.22 -22.00 -2.24
C GLY A 23 -19.77 -23.45 -2.14
N ASN A 24 -20.61 -24.36 -2.62
CA ASN A 24 -20.27 -25.78 -2.61
C ASN A 24 -19.53 -26.13 -3.89
N ILE A 25 -18.26 -25.74 -3.95
CA ILE A 25 -17.49 -25.85 -5.18
C ILE A 25 -17.13 -27.29 -5.55
N GLU A 26 -16.89 -28.12 -4.54
CA GLU A 26 -16.55 -29.52 -4.79
C GLU A 26 -17.70 -30.26 -5.43
N GLU A 27 -18.91 -30.02 -4.93
CA GLU A 27 -20.09 -30.68 -5.51
C GLU A 27 -20.37 -30.14 -6.91
N ALA A 28 -20.12 -28.86 -7.12
CA ALA A 28 -20.28 -28.28 -8.46
C ALA A 28 -19.36 -28.98 -9.45
N VAL A 29 -18.08 -29.09 -9.09
CA VAL A 29 -17.11 -29.77 -9.95
C VAL A 29 -17.60 -31.17 -10.28
N ARG A 30 -18.02 -31.91 -9.26
CA ARG A 30 -18.54 -33.26 -9.45
C ARG A 30 -19.72 -33.30 -10.45
N LEU A 31 -20.64 -32.35 -10.31
CA LEU A 31 -21.81 -32.31 -11.19
C LEU A 31 -21.48 -31.89 -12.64
N TYR A 32 -20.60 -30.90 -12.81
CA TYR A 32 -20.18 -30.52 -14.16
C TYR A 32 -19.51 -31.72 -14.85
N ARG A 33 -18.70 -32.45 -14.10
CA ARG A 33 -18.04 -33.62 -14.67
C ARG A 33 -19.05 -34.68 -15.07
N LYS A 34 -20.06 -34.88 -14.22
CA LYS A 34 -21.13 -35.82 -14.54
C LYS A 34 -21.88 -35.36 -15.79
N ALA A 35 -22.09 -34.05 -15.91
CA ALA A 35 -22.78 -33.53 -17.08
C ALA A 35 -22.01 -33.89 -18.34
N LEU A 36 -20.67 -33.82 -18.26
CA LEU A 36 -19.81 -34.13 -19.39
C LEU A 36 -19.74 -35.63 -19.69
N GLU A 37 -20.00 -36.46 -18.69
CA GLU A 37 -20.12 -37.90 -18.95
C GLU A 37 -21.38 -38.17 -19.76
N VAL A 38 -22.45 -37.46 -19.44
CA VAL A 38 -23.75 -37.67 -20.08
C VAL A 38 -23.83 -37.02 -21.47
N PHE A 39 -23.05 -35.97 -21.67
CA PHE A 39 -23.08 -35.20 -22.93
C PHE A 39 -21.68 -34.65 -23.12
N PRO A 40 -20.78 -35.45 -23.71
CA PRO A 40 -19.37 -35.01 -23.80
C PRO A 40 -19.14 -33.71 -24.57
N GLU A 41 -19.98 -33.42 -25.56
CA GLU A 41 -19.81 -32.22 -26.38
C GLU A 41 -20.59 -31.03 -25.83
N PHE A 42 -20.72 -30.97 -24.51
CA PHE A 42 -21.49 -29.94 -23.84
C PHE A 42 -20.61 -28.73 -23.57
N ALA A 43 -20.61 -27.76 -24.48
CA ALA A 43 -19.73 -26.60 -24.36
C ALA A 43 -19.94 -25.87 -23.03
N ALA A 44 -21.19 -25.66 -22.63
CA ALA A 44 -21.46 -24.90 -21.41
C ALA A 44 -20.87 -25.57 -20.17
N ALA A 45 -20.91 -26.89 -20.10
CA ALA A 45 -20.36 -27.59 -18.94
C ALA A 45 -18.84 -27.53 -18.92
N HIS A 46 -18.22 -27.57 -20.10
CA HIS A 46 -16.78 -27.36 -20.19
C HIS A 46 -16.39 -26.00 -19.61
N SER A 47 -17.09 -24.96 -20.04
CA SER A 47 -16.78 -23.60 -19.62
C SER A 47 -17.08 -23.39 -18.13
N ASN A 48 -18.21 -23.90 -17.69
CA ASN A 48 -18.58 -23.75 -16.28
C ASN A 48 -17.62 -24.52 -15.37
N LEU A 49 -17.22 -25.72 -15.80
CA LEU A 49 -16.23 -26.52 -15.04
C LEU A 49 -14.90 -25.78 -14.96
N ALA A 50 -14.48 -25.19 -16.08
CA ALA A 50 -13.23 -24.44 -16.11
C ALA A 50 -13.25 -23.30 -15.09
N SER A 51 -14.40 -22.63 -14.94
CA SER A 51 -14.50 -21.50 -14.02
C SER A 51 -14.33 -21.93 -12.57
N VAL A 52 -14.88 -23.07 -12.19
CA VAL A 52 -14.67 -23.57 -10.84
C VAL A 52 -13.25 -24.13 -10.65
N LEU A 53 -12.67 -24.73 -11.69
CA LEU A 53 -11.27 -25.13 -11.62
C LEU A 53 -10.36 -23.91 -11.39
N GLN A 54 -10.66 -22.82 -12.08
CA GLN A 54 -9.93 -21.56 -11.89
C GLN A 54 -9.98 -21.14 -10.43
N GLN A 55 -11.17 -21.27 -9.83
CA GLN A 55 -11.36 -20.91 -8.43
C GLN A 55 -10.47 -21.74 -7.52
N GLN A 56 -10.16 -22.96 -7.94
CA GLN A 56 -9.33 -23.86 -7.16
C GLN A 56 -7.85 -23.72 -7.50
N GLY A 57 -7.53 -22.77 -8.38
CA GLY A 57 -6.15 -22.52 -8.75
C GLY A 57 -5.61 -23.51 -9.78
N LYS A 58 -6.51 -24.32 -10.36
CA LYS A 58 -6.13 -25.27 -11.39
C LYS A 58 -6.24 -24.59 -12.76
N LEU A 59 -5.33 -23.66 -12.99
CA LEU A 59 -5.44 -22.75 -14.14
C LEU A 59 -5.21 -23.44 -15.49
N GLN A 60 -4.21 -24.31 -15.57
CA GLN A 60 -3.92 -24.97 -16.83
C GLN A 60 -5.02 -25.95 -17.21
N GLU A 61 -5.58 -26.62 -16.22
CA GLU A 61 -6.72 -27.50 -16.47
C GLU A 61 -7.96 -26.70 -16.88
N ALA A 62 -8.14 -25.53 -16.27
CA ALA A 62 -9.23 -24.64 -16.67
C ALA A 62 -9.09 -24.23 -18.13
N LEU A 63 -7.89 -23.79 -18.51
CA LEU A 63 -7.64 -23.38 -19.89
C LEU A 63 -8.00 -24.48 -20.87
N MET A 64 -7.60 -25.71 -20.54
CA MET A 64 -7.89 -26.84 -21.41
C MET A 64 -9.39 -26.96 -21.67
N HIS A 65 -10.20 -26.82 -20.62
CA HIS A 65 -11.65 -26.90 -20.78
C HIS A 65 -12.27 -25.71 -21.50
N TYR A 66 -11.76 -24.50 -21.25
CA TYR A 66 -12.23 -23.36 -22.04
C TYR A 66 -11.99 -23.59 -23.53
N LYS A 67 -10.80 -24.07 -23.87
CA LYS A 67 -10.45 -24.30 -25.27
C LYS A 67 -11.34 -25.38 -25.86
N GLU A 68 -11.68 -26.39 -25.06
CA GLU A 68 -12.61 -27.43 -25.50
C GLU A 68 -13.98 -26.82 -25.78
N ALA A 69 -14.45 -25.94 -24.89
CA ALA A 69 -15.74 -25.28 -25.08
C ALA A 69 -15.77 -24.49 -26.38
N ILE A 70 -14.68 -23.80 -26.68
CA ILE A 70 -14.63 -22.96 -27.88
C ILE A 70 -14.44 -23.81 -29.13
N ARG A 71 -13.75 -24.94 -29.02
CA ARG A 71 -13.67 -25.86 -30.15
C ARG A 71 -15.07 -26.31 -30.56
N ILE A 72 -15.89 -26.64 -29.56
CA ILE A 72 -17.24 -27.13 -29.80
C ILE A 72 -18.11 -26.00 -30.34
N SER A 73 -17.97 -24.83 -29.73
CA SER A 73 -18.80 -23.68 -30.07
C SER A 73 -17.94 -22.43 -30.27
N PRO A 74 -17.49 -22.18 -31.51
CA PRO A 74 -16.56 -21.10 -31.81
C PRO A 74 -17.07 -19.68 -31.48
N THR A 75 -18.38 -19.50 -31.37
CA THR A 75 -18.94 -18.18 -31.05
C THR A 75 -19.50 -18.13 -29.63
N PHE A 76 -18.95 -18.97 -28.76
CA PHE A 76 -19.40 -19.05 -27.35
C PHE A 76 -18.81 -17.91 -26.52
N ALA A 77 -19.53 -16.79 -26.45
CA ALA A 77 -18.99 -15.60 -25.81
C ALA A 77 -18.63 -15.79 -24.32
N ASP A 78 -19.46 -16.52 -23.58
CA ASP A 78 -19.19 -16.73 -22.16
C ASP A 78 -17.83 -17.40 -21.95
N ALA A 79 -17.51 -18.36 -22.81
CA ALA A 79 -16.25 -19.11 -22.70
C ALA A 79 -15.04 -18.18 -22.92
N TYR A 80 -15.15 -17.29 -23.90
CA TYR A 80 -14.08 -16.33 -24.15
C TYR A 80 -13.85 -15.41 -22.96
N SER A 81 -14.92 -14.81 -22.45
CA SER A 81 -14.81 -13.90 -21.32
C SER A 81 -14.24 -14.63 -20.10
N ASN A 82 -14.78 -15.81 -19.81
CA ASN A 82 -14.29 -16.61 -18.69
C ASN A 82 -12.82 -17.01 -18.87
N MET A 83 -12.46 -17.41 -20.09
CA MET A 83 -11.06 -17.74 -20.38
C MET A 83 -10.16 -16.52 -20.17
N GLY A 84 -10.66 -15.35 -20.53
CA GLY A 84 -9.92 -14.12 -20.30
C GLY A 84 -9.58 -13.92 -18.82
N ASN A 85 -10.52 -14.26 -17.94
CA ASN A 85 -10.27 -14.14 -16.50
C ASN A 85 -9.13 -15.05 -16.06
N THR A 86 -9.05 -16.23 -16.65
CA THR A 86 -8.00 -17.17 -16.28
C THR A 86 -6.64 -16.70 -16.79
N LEU A 87 -6.62 -16.19 -18.03
CA LEU A 87 -5.38 -15.64 -18.59
C LEU A 87 -4.90 -14.42 -17.80
N LYS A 88 -5.84 -13.60 -17.34
CA LYS A 88 -5.49 -12.45 -16.52
C LYS A 88 -4.80 -12.90 -15.24
N GLU A 89 -5.33 -13.95 -14.63
CA GLU A 89 -4.74 -14.45 -13.39
C GLU A 89 -3.35 -15.01 -13.65
N MET A 90 -3.17 -15.55 -14.86
CA MET A 90 -1.89 -16.10 -15.29
C MET A 90 -0.89 -15.02 -15.68
N GLN A 91 -1.30 -13.76 -15.54
CA GLN A 91 -0.45 -12.63 -15.88
C GLN A 91 -0.26 -12.46 -17.39
N ASP A 92 -1.18 -13.03 -18.16
CA ASP A 92 -1.18 -12.86 -19.62
C ASP A 92 -2.20 -11.82 -20.02
N VAL A 93 -1.84 -10.55 -19.88
CA VAL A 93 -2.78 -9.46 -20.08
C VAL A 93 -3.19 -9.32 -21.53
N GLN A 94 -2.24 -9.44 -22.45
CA GLN A 94 -2.56 -9.41 -23.86
C GLN A 94 -3.60 -10.47 -24.20
N GLY A 95 -3.39 -11.70 -23.72
CA GLY A 95 -4.31 -12.79 -23.95
C GLY A 95 -5.70 -12.51 -23.40
N ALA A 96 -5.73 -12.02 -22.17
CA ALA A 96 -6.98 -11.64 -21.53
C ALA A 96 -7.72 -10.59 -22.36
N LEU A 97 -7.00 -9.56 -22.80
CA LEU A 97 -7.61 -8.52 -23.62
C LEU A 97 -8.17 -9.10 -24.92
N GLN A 98 -7.41 -9.94 -25.58
CA GLN A 98 -7.85 -10.57 -26.81
C GLN A 98 -9.17 -11.35 -26.57
N CYS A 99 -9.25 -12.05 -25.45
CA CYS A 99 -10.44 -12.81 -25.08
C CYS A 99 -11.65 -11.94 -24.77
N TYR A 100 -11.46 -10.89 -23.98
CA TYR A 100 -12.56 -10.00 -23.63
C TYR A 100 -13.09 -9.29 -24.88
N THR A 101 -12.17 -8.85 -25.73
CA THR A 101 -12.56 -8.11 -26.92
C THR A 101 -13.30 -9.01 -27.90
N ARG A 102 -12.87 -10.27 -28.00
CA ARG A 102 -13.58 -11.26 -28.80
C ARG A 102 -14.99 -11.49 -28.25
N ALA A 103 -15.12 -11.63 -26.93
CA ALA A 103 -16.42 -11.83 -26.31
C ALA A 103 -17.40 -10.69 -26.60
N ILE A 104 -16.90 -9.46 -26.58
CA ILE A 104 -17.75 -8.29 -26.81
C ILE A 104 -18.08 -8.19 -28.30
N GLN A 105 -17.17 -8.66 -29.14
CA GLN A 105 -17.40 -8.71 -30.58
C GLN A 105 -18.60 -9.63 -30.86
N ILE A 106 -18.65 -10.77 -30.17
CA ILE A 106 -19.72 -11.73 -30.36
C ILE A 106 -21.05 -11.26 -29.77
N ASN A 107 -21.00 -10.74 -28.56
CA ASN A 107 -22.18 -10.25 -27.86
C ASN A 107 -21.92 -8.83 -27.35
N PRO A 108 -22.39 -7.83 -28.12
CA PRO A 108 -22.14 -6.42 -27.80
C PRO A 108 -22.74 -6.01 -26.46
N ALA A 109 -23.67 -6.79 -25.94
CA ALA A 109 -24.37 -6.44 -24.71
C ALA A 109 -24.01 -7.36 -23.54
N PHE A 110 -22.79 -7.89 -23.57
CA PHE A 110 -22.32 -8.85 -22.59
C PHE A 110 -21.75 -8.10 -21.38
N ALA A 111 -22.62 -7.83 -20.40
CA ALA A 111 -22.23 -7.02 -19.24
C ALA A 111 -20.94 -7.50 -18.56
N ASP A 112 -20.88 -8.79 -18.24
CA ASP A 112 -19.71 -9.33 -17.53
C ASP A 112 -18.41 -9.08 -18.28
N ALA A 113 -18.43 -9.29 -19.59
CA ALA A 113 -17.25 -9.06 -20.41
C ALA A 113 -16.79 -7.60 -20.39
N HIS A 114 -17.73 -6.66 -20.46
CA HIS A 114 -17.41 -5.24 -20.35
C HIS A 114 -16.76 -4.92 -18.99
N SER A 115 -17.30 -5.53 -17.93
CA SER A 115 -16.75 -5.33 -16.59
C SER A 115 -15.34 -5.94 -16.46
N ASN A 116 -15.16 -7.12 -17.02
CA ASN A 116 -13.86 -7.77 -16.98
C ASN A 116 -12.81 -6.98 -17.79
N LEU A 117 -13.23 -6.49 -18.95
CA LEU A 117 -12.38 -5.61 -19.74
C LEU A 117 -12.01 -4.37 -18.94
N ALA A 118 -12.99 -3.80 -18.23
CA ALA A 118 -12.75 -2.63 -17.41
C ALA A 118 -11.64 -2.87 -16.40
N SER A 119 -11.60 -4.08 -15.84
CA SER A 119 -10.62 -4.41 -14.83
C SER A 119 -9.19 -4.33 -15.38
N ILE A 120 -9.03 -4.67 -16.65
CA ILE A 120 -7.73 -4.52 -17.31
C ILE A 120 -7.33 -3.05 -17.45
N HIS A 121 -8.29 -2.22 -17.82
CA HIS A 121 -8.01 -0.79 -17.98
C HIS A 121 -7.64 -0.22 -16.62
N LYS A 122 -8.36 -0.66 -15.59
CA LYS A 122 -8.12 -0.16 -14.23
C LYS A 122 -6.70 -0.53 -13.81
N ASP A 123 -6.31 -1.77 -14.05
CA ASP A 123 -4.98 -2.23 -13.66
C ASP A 123 -3.87 -1.58 -14.48
N SER A 124 -4.21 -1.09 -15.67
CA SER A 124 -3.22 -0.47 -16.54
C SER A 124 -3.02 1.02 -16.23
N GLY A 125 -3.91 1.58 -15.44
CA GLY A 125 -3.83 2.99 -15.08
C GLY A 125 -4.65 3.85 -16.02
N ASN A 126 -5.54 3.21 -16.77
CA ASN A 126 -6.42 3.92 -17.69
C ASN A 126 -7.78 4.07 -17.02
N ILE A 127 -7.84 4.95 -16.03
CA ILE A 127 -9.04 5.05 -15.21
C ILE A 127 -10.27 5.50 -15.99
N PRO A 128 -10.11 6.49 -16.88
CA PRO A 128 -11.27 6.95 -17.64
C PRO A 128 -11.91 5.83 -18.46
N GLU A 129 -11.08 5.03 -19.13
CA GLU A 129 -11.59 3.90 -19.89
C GLU A 129 -12.20 2.82 -19.00
N ALA A 130 -11.58 2.58 -17.84
CA ALA A 130 -12.16 1.64 -16.87
C ALA A 130 -13.55 2.11 -16.46
N ILE A 131 -13.65 3.41 -16.15
CA ILE A 131 -14.92 3.98 -15.74
C ILE A 131 -15.97 3.83 -16.84
N ALA A 132 -15.58 4.14 -18.07
CA ALA A 132 -16.49 3.98 -19.21
C ALA A 132 -16.96 2.54 -19.36
N SER A 133 -16.04 1.58 -19.30
CA SER A 133 -16.40 0.17 -19.43
C SER A 133 -17.26 -0.35 -18.29
N TYR A 134 -16.95 0.05 -17.04
CA TYR A 134 -17.79 -0.32 -15.90
C TYR A 134 -19.20 0.28 -16.04
N ARG A 135 -19.27 1.51 -16.53
CA ARG A 135 -20.57 2.15 -16.74
C ARG A 135 -21.40 1.44 -17.82
N THR A 136 -20.74 1.02 -18.89
CA THR A 136 -21.41 0.21 -19.90
C THR A 136 -21.95 -1.07 -19.25
N ALA A 137 -21.13 -1.72 -18.43
CA ALA A 137 -21.57 -2.95 -17.78
C ALA A 137 -22.81 -2.70 -16.94
N LEU A 138 -22.81 -1.59 -16.20
CA LEU A 138 -23.91 -1.29 -15.29
C LEU A 138 -25.17 -0.86 -16.04
N LYS A 139 -24.98 -0.25 -17.20
CA LYS A 139 -26.10 0.09 -18.07
C LYS A 139 -26.82 -1.16 -18.58
N LEU A 140 -26.03 -2.20 -18.90
CA LEU A 140 -26.56 -3.44 -19.45
C LEU A 140 -27.08 -4.36 -18.35
N LYS A 141 -26.51 -4.24 -17.17
CA LYS A 141 -26.89 -5.06 -16.03
C LYS A 141 -26.82 -4.22 -14.76
N PRO A 142 -27.89 -3.47 -14.48
CA PRO A 142 -27.82 -2.51 -13.36
C PRO A 142 -27.58 -3.14 -11.99
N ASP A 143 -27.95 -4.40 -11.81
CA ASP A 143 -27.65 -5.11 -10.56
C ASP A 143 -26.40 -5.96 -10.78
N PHE A 144 -25.24 -5.35 -10.54
CA PHE A 144 -23.96 -5.97 -10.85
C PHE A 144 -22.95 -5.52 -9.78
N PRO A 145 -22.92 -6.20 -8.64
CA PRO A 145 -22.07 -5.80 -7.51
C PRO A 145 -20.58 -5.65 -7.85
N ASP A 146 -20.00 -6.60 -8.59
CA ASP A 146 -18.58 -6.49 -8.95
C ASP A 146 -18.30 -5.20 -9.73
N ALA A 147 -19.14 -4.90 -10.73
CA ALA A 147 -18.92 -3.72 -11.54
C ALA A 147 -19.13 -2.43 -10.74
N TYR A 148 -20.18 -2.40 -9.92
CA TYR A 148 -20.48 -1.22 -9.12
C TYR A 148 -19.35 -0.91 -8.14
N CYS A 149 -18.89 -1.94 -7.44
CA CYS A 149 -17.87 -1.74 -6.40
C CYS A 149 -16.52 -1.41 -7.01
N ASN A 150 -16.17 -2.05 -8.12
CA ASN A 150 -14.92 -1.69 -8.78
C ASN A 150 -14.98 -0.30 -9.43
N LEU A 151 -16.13 0.07 -9.97
CA LEU A 151 -16.35 1.44 -10.44
C LEU A 151 -16.17 2.43 -9.29
N ALA A 152 -16.70 2.10 -8.12
CA ALA A 152 -16.60 3.01 -6.98
C ALA A 152 -15.13 3.25 -6.65
N HIS A 153 -14.30 2.21 -6.76
CA HIS A 153 -12.90 2.38 -6.45
C HIS A 153 -12.19 3.21 -7.51
N CYS A 154 -12.54 3.00 -8.78
CA CYS A 154 -12.02 3.84 -9.87
C CYS A 154 -12.29 5.30 -9.56
N LEU A 155 -13.53 5.61 -9.20
CA LEU A 155 -13.91 6.98 -8.92
C LEU A 155 -13.15 7.54 -7.71
N GLN A 156 -12.89 6.67 -6.74
CA GLN A 156 -12.16 7.06 -5.55
C GLN A 156 -10.73 7.44 -5.91
N ILE A 157 -10.14 6.67 -6.81
CA ILE A 157 -8.75 6.88 -7.22
C ILE A 157 -8.53 8.27 -7.80
N VAL A 158 -9.53 8.79 -8.51
CA VAL A 158 -9.42 10.08 -9.20
C VAL A 158 -10.22 11.18 -8.52
N CYS A 159 -10.68 10.90 -7.31
CA CYS A 159 -11.41 11.89 -6.52
C CYS A 159 -12.64 12.40 -7.28
N ASP A 160 -13.30 11.49 -7.99
CA ASP A 160 -14.60 11.79 -8.58
C ASP A 160 -15.65 11.44 -7.52
N TRP A 161 -16.25 12.47 -6.95
CA TRP A 161 -17.18 12.29 -5.84
C TRP A 161 -18.63 12.48 -6.27
N THR A 162 -18.91 12.17 -7.54
CA THR A 162 -20.25 12.29 -8.09
CA THR A 162 -20.26 12.33 -8.04
C THR A 162 -21.24 11.45 -7.29
N ASP A 163 -22.29 12.07 -6.77
CA ASP A 163 -23.32 11.35 -6.03
C ASP A 163 -22.71 10.53 -4.91
N TYR A 164 -21.71 11.09 -4.24
CA TYR A 164 -20.90 10.36 -3.28
C TYR A 164 -21.71 9.70 -2.15
N ASP A 165 -22.55 10.47 -1.47
CA ASP A 165 -23.34 9.93 -0.37
C ASP A 165 -24.19 8.74 -0.79
N GLU A 166 -24.86 8.86 -1.94
CA GLU A 166 -25.70 7.76 -2.44
C GLU A 166 -24.85 6.58 -2.86
N ARG A 167 -23.68 6.87 -3.43
CA ARG A 167 -22.73 5.81 -3.79
C ARG A 167 -22.31 5.01 -2.57
N MET A 168 -21.97 5.68 -1.47
CA MET A 168 -21.56 4.98 -0.25
C MET A 168 -22.72 4.16 0.32
N LYS A 169 -23.92 4.74 0.31
CA LYS A 169 -25.12 4.04 0.75
C LYS A 169 -25.28 2.72 -0.02
N LYS A 170 -25.10 2.80 -1.34
CA LYS A 170 -25.28 1.62 -2.17
C LYS A 170 -24.20 0.58 -1.92
N LEU A 171 -22.94 1.02 -1.77
CA LEU A 171 -21.85 0.10 -1.45
C LEU A 171 -22.15 -0.66 -0.16
N VAL A 172 -22.57 0.05 0.87
CA VAL A 172 -22.87 -0.58 2.15
C VAL A 172 -24.02 -1.59 2.00
N SER A 173 -25.01 -1.23 1.19
CA SER A 173 -26.18 -2.07 0.99
C SER A 173 -25.81 -3.34 0.23
N ILE A 174 -24.94 -3.19 -0.76
CA ILE A 174 -24.42 -4.33 -1.51
C ILE A 174 -23.68 -5.31 -0.59
N VAL A 175 -22.77 -4.79 0.20
CA VAL A 175 -22.00 -5.62 1.13
C VAL A 175 -22.91 -6.32 2.13
N ALA A 176 -23.87 -5.60 2.70
CA ALA A 176 -24.81 -6.23 3.61
C ALA A 176 -25.55 -7.41 2.96
N ASP A 177 -25.93 -7.24 1.70
CA ASP A 177 -26.70 -8.27 1.01
C ASP A 177 -25.83 -9.49 0.79
N GLN A 178 -24.60 -9.24 0.36
CA GLN A 178 -23.67 -10.32 0.07
C GLN A 178 -23.29 -11.07 1.34
N LEU A 179 -23.06 -10.34 2.43
CA LEU A 179 -22.75 -10.99 3.71
C LEU A 179 -23.90 -11.86 4.19
N GLU A 180 -25.12 -11.34 4.07
CA GLU A 180 -26.30 -12.08 4.52
C GLU A 180 -26.51 -13.33 3.67
N LYS A 181 -26.18 -13.24 2.40
CA LYS A 181 -26.46 -14.33 1.46
C LYS A 181 -25.27 -15.26 1.28
N ASN A 182 -24.25 -15.09 2.11
CA ASN A 182 -23.09 -15.98 2.09
C ASN A 182 -22.33 -15.95 0.77
N ARG A 183 -22.21 -14.76 0.18
CA ARG A 183 -21.44 -14.58 -1.03
C ARG A 183 -20.17 -13.79 -0.73
N LEU A 184 -19.15 -13.96 -1.55
CA LEU A 184 -17.92 -13.17 -1.43
C LEU A 184 -18.23 -11.71 -1.71
N PRO A 185 -17.91 -10.82 -0.76
CA PRO A 185 -18.24 -9.41 -1.01
C PRO A 185 -17.45 -8.84 -2.18
N SER A 186 -18.09 -7.93 -2.92
CA SER A 186 -17.47 -7.31 -4.08
C SER A 186 -16.53 -6.17 -3.69
N VAL A 187 -16.51 -5.82 -2.41
CA VAL A 187 -15.53 -4.83 -1.93
C VAL A 187 -14.29 -5.57 -1.46
N HIS A 188 -13.14 -5.18 -1.98
CA HIS A 188 -11.87 -5.79 -1.61
C HIS A 188 -11.50 -5.38 -0.18
N PRO A 189 -10.93 -6.31 0.60
CA PRO A 189 -10.55 -5.99 1.99
C PRO A 189 -9.70 -4.73 2.10
N HIS A 190 -8.76 -4.55 1.17
CA HIS A 190 -7.84 -3.41 1.23
C HIS A 190 -8.56 -2.08 1.00
N HIS A 191 -9.71 -2.14 0.34
CA HIS A 191 -10.48 -0.93 0.02
C HIS A 191 -11.55 -0.65 1.07
N SER A 192 -11.87 -1.65 1.89
CA SER A 192 -12.98 -1.51 2.84
C SER A 192 -12.76 -0.36 3.81
N MET A 193 -11.51 -0.01 4.05
CA MET A 193 -11.18 1.09 4.96
C MET A 193 -11.66 2.45 4.43
N LEU A 194 -11.96 2.53 3.14
CA LEU A 194 -12.24 3.82 2.50
C LEU A 194 -13.72 4.16 2.53
N TYR A 195 -14.54 3.17 2.89
CA TYR A 195 -16.00 3.32 2.85
C TYR A 195 -16.60 3.21 4.24
N PRO A 196 -17.77 3.83 4.45
CA PRO A 196 -18.39 3.87 5.78
C PRO A 196 -19.05 2.55 6.17
N LEU A 197 -18.27 1.49 6.12
CA LEU A 197 -18.69 0.16 6.54
C LEU A 197 -18.43 0.00 8.03
N SER A 198 -19.29 -0.75 8.71
CA SER A 198 -19.06 -1.05 10.12
C SER A 198 -17.79 -1.87 10.27
N HIS A 199 -17.18 -1.84 11.45
CA HIS A 199 -16.00 -2.66 11.70
C HIS A 199 -16.32 -4.14 11.54
N GLY A 200 -17.54 -4.51 11.93
CA GLY A 200 -18.01 -5.88 11.73
C GLY A 200 -18.02 -6.25 10.25
N PHE A 201 -18.52 -5.35 9.41
CA PHE A 201 -18.53 -5.63 7.98
C PHE A 201 -17.11 -5.74 7.41
N ARG A 202 -16.22 -4.84 7.81
CA ARG A 202 -14.84 -4.90 7.35
C ARG A 202 -14.15 -6.20 7.75
N LYS A 203 -14.35 -6.64 8.98
CA LYS A 203 -13.72 -7.90 9.40
C LYS A 203 -14.31 -9.08 8.61
N ALA A 204 -15.61 -9.04 8.38
CA ALA A 204 -16.29 -10.13 7.67
C ALA A 204 -15.87 -10.19 6.21
N ILE A 205 -15.65 -9.02 5.61
CA ILE A 205 -15.10 -8.98 4.26
C ILE A 205 -13.72 -9.64 4.21
N ALA A 206 -12.87 -9.29 5.17
CA ALA A 206 -11.53 -9.85 5.20
C ALA A 206 -11.59 -11.36 5.41
N GLU A 207 -12.39 -11.78 6.38
CA GLU A 207 -12.59 -13.19 6.67
C GLU A 207 -12.94 -14.00 5.43
N ARG A 208 -13.89 -13.49 4.65
CA ARG A 208 -14.34 -14.23 3.48
C ARG A 208 -13.27 -14.30 2.39
N HIS A 209 -12.47 -13.24 2.26
CA HIS A 209 -11.36 -13.29 1.34
C HIS A 209 -10.30 -14.26 1.83
N GLY A 210 -10.08 -14.28 3.13
CA GLY A 210 -9.17 -15.25 3.70
C GLY A 210 -9.59 -16.67 3.39
N ASN A 211 -10.90 -16.92 3.45
CA ASN A 211 -11.42 -18.26 3.19
C ASN A 211 -11.24 -18.73 1.74
N LEU A 212 -11.09 -17.80 0.81
CA LEU A 212 -10.88 -18.17 -0.59
C LEU A 212 -9.61 -19.01 -0.71
N CYS A 213 -8.64 -18.73 0.16
CA CYS A 213 -7.38 -19.46 0.13
C CYS A 213 -7.60 -20.95 0.32
N LEU A 214 -8.62 -21.30 1.07
CA LEU A 214 -8.91 -22.71 1.34
C LEU A 214 -9.34 -23.45 0.07
N ASP A 215 -10.06 -22.77 -0.81
CA ASP A 215 -10.45 -23.39 -2.08
C ASP A 215 -9.20 -23.81 -2.86
N LYS A 216 -8.12 -23.06 -2.70
CA LYS A 216 -6.91 -23.32 -3.47
C LYS A 216 -5.96 -24.32 -2.79
N ILE A 217 -6.06 -24.46 -1.47
CA ILE A 217 -5.21 -25.44 -0.79
C ILE A 217 -5.92 -26.73 -0.48
N ASN A 218 -7.25 -26.70 -0.41
CA ASN A 218 -8.00 -27.93 -0.18
C ASN A 218 -7.69 -29.02 -1.22
N VAL A 219 -7.50 -28.60 -2.47
CA VAL A 219 -7.24 -29.56 -3.55
C VAL A 219 -5.83 -30.11 -3.51
N LEU A 220 -5.03 -29.65 -2.56
CA LEU A 220 -3.67 -30.16 -2.38
C LEU A 220 -3.68 -31.38 -1.46
N HIS A 221 -4.74 -31.52 -0.68
CA HIS A 221 -4.89 -32.64 0.26
C HIS A 221 -3.65 -32.87 1.12
N LYS A 222 -3.16 -31.80 1.74
CA LYS A 222 -2.00 -31.90 2.62
C LYS A 222 -2.40 -32.01 4.08
N PRO A 223 -1.70 -32.84 4.86
CA PRO A 223 -2.01 -32.93 6.29
C PRO A 223 -1.51 -31.70 7.05
N PRO A 224 -1.97 -31.54 8.29
CA PRO A 224 -1.39 -30.51 9.16
C PRO A 224 0.09 -30.79 9.42
N TYR A 225 0.89 -29.74 9.55
CA TYR A 225 2.31 -29.88 9.83
C TYR A 225 2.56 -30.11 11.32
N GLU A 226 3.61 -30.87 11.63
CA GLU A 226 4.10 -30.98 12.99
C GLU A 226 5.13 -29.90 13.24
N HIS A 227 4.91 -29.07 14.25
CA HIS A 227 5.78 -27.92 14.51
C HIS A 227 6.83 -28.17 15.60
N PRO A 228 7.93 -27.42 15.56
CA PRO A 228 8.94 -27.47 16.63
C PRO A 228 8.33 -27.01 17.95
N LYS A 229 8.71 -27.67 19.05
CA LYS A 229 8.22 -27.29 20.38
C LYS A 229 9.36 -26.78 21.27
N ASP A 230 10.54 -26.63 20.68
CA ASP A 230 11.68 -26.03 21.36
C ASP A 230 12.67 -25.50 20.33
N LEU A 231 13.79 -24.96 20.80
CA LEU A 231 14.78 -24.38 19.91
C LEU A 231 16.04 -25.22 19.81
N LYS A 232 15.92 -26.49 20.21
CA LYS A 232 17.08 -27.38 20.24
C LYS A 232 17.67 -27.63 18.85
N LEU A 233 16.82 -27.94 17.88
CA LEU A 233 17.28 -28.20 16.52
C LEU A 233 17.98 -26.99 15.89
N SER A 234 17.71 -25.80 16.43
CA SER A 234 18.27 -24.58 15.86
C SER A 234 19.30 -23.92 16.77
N ASP A 235 19.86 -24.70 17.69
CA ASP A 235 20.92 -24.22 18.58
C ASP A 235 20.48 -23.09 19.49
N GLY A 236 19.22 -23.13 19.92
CA GLY A 236 18.70 -22.12 20.83
C GLY A 236 18.30 -20.85 20.11
N ARG A 237 18.35 -20.89 18.78
CA ARG A 237 17.96 -19.72 17.99
C ARG A 237 16.51 -19.81 17.51
N LEU A 238 15.80 -18.69 17.59
CA LEU A 238 14.47 -18.60 17.05
C LEU A 238 14.54 -18.37 15.55
N ARG A 239 13.90 -19.25 14.78
CA ARG A 239 13.88 -19.12 13.33
C ARG A 239 12.70 -18.28 12.87
N VAL A 240 13.00 -17.09 12.33
CA VAL A 240 11.97 -16.17 11.89
C VAL A 240 11.94 -16.06 10.37
N GLY A 241 10.76 -16.27 9.79
CA GLY A 241 10.60 -16.18 8.34
C GLY A 241 9.81 -14.97 7.89
N TYR A 242 10.44 -14.12 7.09
CA TYR A 242 9.76 -12.94 6.55
C TYR A 242 9.28 -13.23 5.12
N VAL A 243 7.96 -13.23 4.93
CA VAL A 243 7.39 -13.56 3.61
C VAL A 243 6.83 -12.32 2.91
N SER A 244 7.39 -11.99 1.75
CA SER A 244 6.98 -10.77 1.07
C SER A 244 7.21 -10.80 -0.44
N SER A 245 6.26 -10.22 -1.18
CA SER A 245 6.41 -10.06 -2.63
C SER A 245 7.19 -8.79 -2.92
N ASP A 246 7.66 -8.12 -1.87
CA ASP A 246 8.15 -6.75 -2.01
C ASP A 246 9.59 -6.54 -1.57
N PHE A 247 10.40 -7.58 -1.69
CA PHE A 247 11.83 -7.45 -1.48
C PHE A 247 12.42 -6.93 -2.78
N GLY A 248 12.64 -5.62 -2.83
CA GLY A 248 13.06 -4.95 -4.05
C GLY A 248 12.62 -3.50 -3.97
N ASN A 249 12.47 -2.84 -5.11
CA ASN A 249 12.08 -1.43 -5.11
C ASN A 249 10.60 -1.24 -4.81
N HIS A 250 10.25 -1.38 -3.54
CA HIS A 250 8.87 -1.27 -3.07
CA HIS A 250 8.86 -1.25 -3.07
C HIS A 250 8.85 -0.61 -1.69
N PRO A 251 7.77 0.11 -1.34
CA PRO A 251 7.73 0.77 -0.03
C PRO A 251 8.09 -0.15 1.14
N THR A 252 7.65 -1.40 1.09
CA THR A 252 7.97 -2.34 2.15
C THR A 252 9.48 -2.41 2.42
N SER A 253 10.27 -2.50 1.35
CA SER A 253 11.72 -2.54 1.49
C SER A 253 12.28 -1.20 1.98
N HIS A 254 11.64 -0.11 1.57
CA HIS A 254 12.08 1.22 1.99
C HIS A 254 11.84 1.41 3.49
N LEU A 255 11.00 0.56 4.07
CA LEU A 255 10.73 0.62 5.50
C LEU A 255 11.62 -0.31 6.31
N MET A 256 11.77 -1.56 5.86
CA MET A 256 12.38 -2.58 6.72
C MET A 256 13.62 -3.26 6.18
N GLN A 257 14.20 -2.75 5.09
CA GLN A 257 15.34 -3.44 4.47
C GLN A 257 16.52 -3.65 5.43
N SER A 258 16.61 -2.84 6.48
CA SER A 258 17.70 -2.96 7.45
C SER A 258 17.45 -3.99 8.55
N ILE A 259 16.20 -4.35 8.76
CA ILE A 259 15.86 -5.19 9.90
C ILE A 259 16.47 -6.60 9.88
N PRO A 260 16.41 -7.30 8.74
CA PRO A 260 17.01 -8.64 8.74
C PRO A 260 18.46 -8.63 9.19
N GLY A 261 19.25 -7.69 8.70
CA GLY A 261 20.66 -7.64 9.04
C GLY A 261 20.94 -7.20 10.47
N MET A 262 19.95 -6.56 11.09
CA MET A 262 20.13 -6.03 12.44
C MET A 262 19.70 -7.02 13.52
N HIS A 263 19.04 -8.09 13.12
CA HIS A 263 18.69 -9.15 14.04
C HIS A 263 19.92 -9.72 14.73
N ASN A 264 19.77 -10.10 15.99
CA ASN A 264 20.87 -10.68 16.75
C ASN A 264 21.10 -12.13 16.37
N PRO A 265 22.25 -12.43 15.72
CA PRO A 265 22.53 -13.79 15.26
C PRO A 265 22.68 -14.78 16.41
N ASP A 266 22.86 -14.29 17.63
CA ASP A 266 23.02 -15.17 18.78
C ASP A 266 21.69 -15.80 19.20
N LYS A 267 20.59 -15.12 18.87
CA LYS A 267 19.27 -15.52 19.35
C LYS A 267 18.30 -15.77 18.21
N PHE A 268 18.64 -15.29 17.00
CA PHE A 268 17.72 -15.35 15.89
C PHE A 268 18.40 -15.79 14.59
N GLU A 269 17.66 -16.57 13.81
CA GLU A 269 18.13 -16.98 12.48
C GLU A 269 17.07 -16.53 11.51
N VAL A 270 17.46 -15.64 10.60
CA VAL A 270 16.49 -14.96 9.75
C VAL A 270 16.39 -15.55 8.36
N PHE A 271 15.18 -15.93 7.98
CA PHE A 271 14.91 -16.45 6.64
C PHE A 271 13.99 -15.47 5.92
N CYS A 272 14.38 -15.04 4.73
CA CYS A 272 13.50 -14.19 3.93
C CYS A 272 12.97 -14.96 2.73
N TYR A 273 11.64 -15.05 2.65
CA TYR A 273 10.98 -15.76 1.56
C TYR A 273 10.40 -14.76 0.58
N ALA A 274 11.05 -14.63 -0.57
CA ALA A 274 10.64 -13.71 -1.62
C ALA A 274 9.57 -14.35 -2.50
N LEU A 275 8.47 -13.66 -2.71
CA LEU A 275 7.42 -14.14 -3.60
C LEU A 275 7.57 -13.55 -5.00
N SER A 276 8.57 -12.69 -5.18
CA SER A 276 8.80 -12.05 -6.46
C SER A 276 10.20 -12.36 -6.93
N PRO A 277 10.43 -12.30 -8.25
CA PRO A 277 11.78 -12.49 -8.78
C PRO A 277 12.64 -11.26 -8.55
N ASP A 278 13.96 -11.42 -8.68
CA ASP A 278 14.92 -10.35 -8.48
C ASP A 278 14.69 -9.21 -9.46
N ASP A 279 14.45 -8.00 -8.95
CA ASP A 279 14.23 -6.86 -9.82
C ASP A 279 15.50 -6.10 -10.13
N GLY A 280 16.63 -6.58 -9.59
CA GLY A 280 17.93 -6.04 -9.90
C GLY A 280 18.35 -4.82 -9.10
N THR A 281 17.56 -4.44 -8.11
CA THR A 281 17.85 -3.25 -7.33
C THR A 281 18.71 -3.56 -6.09
N ASN A 282 19.33 -2.52 -5.53
CA ASN A 282 20.12 -2.66 -4.32
C ASN A 282 19.29 -3.09 -3.11
N PHE A 283 17.99 -2.81 -3.16
CA PHE A 283 17.08 -3.22 -2.10
C PHE A 283 17.06 -4.74 -2.03
N ARG A 284 16.87 -5.36 -3.18
CA ARG A 284 16.89 -6.82 -3.28
C ARG A 284 18.27 -7.35 -2.88
N VAL A 285 19.32 -6.74 -3.44
CA VAL A 285 20.69 -7.11 -3.10
C VAL A 285 20.92 -7.11 -1.59
N LYS A 286 20.51 -6.04 -0.93
CA LYS A 286 20.77 -5.87 0.49
C LYS A 286 20.12 -6.97 1.33
N VAL A 287 18.84 -7.22 1.10
CA VAL A 287 18.12 -8.23 1.88
C VAL A 287 18.69 -9.62 1.64
N MET A 288 19.08 -9.89 0.40
CA MET A 288 19.61 -11.21 0.06
C MET A 288 20.94 -11.45 0.76
N ALA A 289 21.74 -10.40 0.89
CA ALA A 289 23.07 -10.53 1.48
C ALA A 289 23.04 -10.53 3.00
N GLU A 290 22.06 -9.86 3.60
CA GLU A 290 22.06 -9.65 5.05
C GLU A 290 21.18 -10.65 5.83
N ALA A 291 20.21 -11.25 5.17
CA ALA A 291 19.45 -12.33 5.79
C ALA A 291 20.38 -13.52 5.94
N ASN A 292 20.14 -14.34 6.96
CA ASN A 292 20.92 -15.58 7.10
C ASN A 292 20.64 -16.51 5.94
N HIS A 293 19.38 -16.54 5.52
CA HIS A 293 18.97 -17.34 4.37
C HIS A 293 18.00 -16.54 3.52
N PHE A 294 18.12 -16.67 2.20
CA PHE A 294 17.20 -16.01 1.29
C PHE A 294 16.66 -17.04 0.31
N ILE A 295 15.34 -17.15 0.25
CA ILE A 295 14.69 -18.18 -0.55
C ILE A 295 13.75 -17.54 -1.57
N ASP A 296 14.00 -17.80 -2.85
CA ASP A 296 13.16 -17.24 -3.90
C ASP A 296 11.97 -18.16 -4.20
N LEU A 297 10.85 -17.93 -3.53
CA LEU A 297 9.69 -18.78 -3.71
C LEU A 297 8.94 -18.50 -5.02
N SER A 298 9.33 -17.43 -5.71
CA SER A 298 8.76 -17.16 -7.02
C SER A 298 9.14 -18.30 -7.97
N GLN A 299 10.16 -19.07 -7.61
CA GLN A 299 10.61 -20.21 -8.40
C GLN A 299 9.85 -21.47 -8.03
N ILE A 300 9.00 -21.39 -7.02
CA ILE A 300 8.22 -22.54 -6.57
C ILE A 300 6.75 -22.15 -6.53
N PRO A 301 6.09 -22.17 -7.70
CA PRO A 301 4.71 -21.71 -7.85
C PRO A 301 3.68 -22.55 -7.09
N CYS A 302 3.99 -23.82 -6.84
CA CYS A 302 3.08 -24.66 -6.06
C CYS A 302 3.13 -24.30 -4.58
N ASN A 303 2.00 -23.86 -4.04
CA ASN A 303 1.94 -23.49 -2.62
C ASN A 303 2.23 -24.66 -1.68
N GLY A 304 1.95 -25.87 -2.15
CA GLY A 304 2.22 -27.07 -1.38
C GLY A 304 3.71 -27.29 -1.19
N LYS A 305 4.45 -27.29 -2.29
CA LYS A 305 5.90 -27.49 -2.24
C LYS A 305 6.57 -26.31 -1.55
N ALA A 306 6.03 -25.11 -1.75
CA ALA A 306 6.57 -23.91 -1.13
C ALA A 306 6.37 -23.93 0.38
N ALA A 307 5.19 -24.34 0.83
CA ALA A 307 4.93 -24.50 2.26
C ALA A 307 5.83 -25.58 2.85
N ASP A 308 6.05 -26.65 2.08
CA ASP A 308 6.95 -27.71 2.51
C ASP A 308 8.35 -27.15 2.79
N ARG A 309 8.80 -26.23 1.94
CA ARG A 309 10.13 -25.65 2.08
C ARG A 309 10.24 -24.86 3.38
N ILE A 310 9.22 -24.05 3.65
CA ILE A 310 9.15 -23.24 4.87
C ILE A 310 9.16 -24.14 6.10
N HIS A 311 8.33 -25.18 6.08
CA HIS A 311 8.28 -26.13 7.19
C HIS A 311 9.61 -26.84 7.40
N GLN A 312 10.19 -27.34 6.32
CA GLN A 312 11.46 -28.04 6.39
C GLN A 312 12.62 -27.13 6.82
N ASP A 313 12.44 -25.82 6.70
CA ASP A 313 13.44 -24.88 7.19
C ASP A 313 13.36 -24.76 8.72
N GLY A 314 12.26 -25.21 9.30
CA GLY A 314 12.07 -25.20 10.74
C GLY A 314 11.65 -23.86 11.31
N ILE A 315 10.92 -23.07 10.52
CA ILE A 315 10.50 -21.73 10.94
C ILE A 315 9.59 -21.78 12.18
N HIS A 316 9.92 -20.95 13.17
CA HIS A 316 9.14 -20.84 14.39
C HIS A 316 8.06 -19.76 14.26
N ILE A 317 8.44 -18.61 13.73
CA ILE A 317 7.52 -17.50 13.51
C ILE A 317 7.54 -17.10 12.05
N LEU A 318 6.40 -17.27 11.38
CA LEU A 318 6.30 -16.89 9.98
C LEU A 318 5.54 -15.58 9.88
N VAL A 319 6.11 -14.62 9.16
CA VAL A 319 5.59 -13.26 9.15
C VAL A 319 5.02 -12.86 7.79
N ASN A 320 3.73 -12.53 7.79
CA ASN A 320 3.00 -12.15 6.58
C ASN A 320 3.09 -10.65 6.33
N MET A 321 3.89 -10.27 5.33
CA MET A 321 4.10 -8.86 5.03
C MET A 321 3.23 -8.35 3.88
N ASN A 322 2.35 -9.21 3.37
CA ASN A 322 1.48 -8.82 2.25
C ASN A 322 0.02 -8.56 2.62
N GLY A 323 -0.55 -9.43 3.45
CA GLY A 323 -1.98 -9.40 3.65
C GLY A 323 -2.64 -9.47 2.28
N TYR A 324 -3.70 -8.70 2.09
CA TYR A 324 -4.42 -8.72 0.82
C TYR A 324 -3.91 -7.63 -0.12
N THR A 325 -2.71 -7.83 -0.62
CA THR A 325 -2.10 -6.89 -1.56
C THR A 325 -1.53 -7.66 -2.73
N LYS A 326 -1.20 -6.95 -3.79
CA LYS A 326 -0.67 -7.56 -5.00
C LYS A 326 0.55 -8.40 -4.67
N GLY A 327 0.58 -9.62 -5.20
CA GLY A 327 1.73 -10.50 -5.04
C GLY A 327 1.60 -11.46 -3.86
N ALA A 328 0.55 -11.30 -3.06
CA ALA A 328 0.36 -12.16 -1.88
C ALA A 328 0.17 -13.62 -2.28
N ARG A 329 0.63 -14.51 -1.40
CA ARG A 329 0.36 -15.93 -1.54
C ARG A 329 -0.07 -16.42 -0.16
N ASN A 330 -1.24 -15.95 0.27
CA ASN A 330 -1.70 -16.28 1.61
C ASN A 330 -2.01 -17.76 1.75
N GLU A 331 -2.10 -18.45 0.62
CA GLU A 331 -2.23 -19.90 0.65
C GLU A 331 -1.11 -20.55 1.47
N LEU A 332 0.09 -19.97 1.42
CA LEU A 332 1.22 -20.48 2.18
C LEU A 332 0.93 -20.45 3.67
N PHE A 333 0.27 -19.39 4.12
CA PHE A 333 -0.08 -19.23 5.53
C PHE A 333 -1.26 -20.12 5.89
N ALA A 334 -2.16 -20.32 4.93
CA ALA A 334 -3.31 -21.18 5.15
C ALA A 334 -2.87 -22.62 5.45
N LEU A 335 -1.69 -23.00 4.95
CA LEU A 335 -1.19 -24.35 5.19
C LEU A 335 -0.50 -24.49 6.55
N ARG A 336 -0.35 -23.37 7.26
CA ARG A 336 0.32 -23.31 8.57
C ARG A 336 1.59 -24.16 8.68
N PRO A 337 2.61 -23.80 7.89
CA PRO A 337 3.90 -24.49 8.00
C PRO A 337 4.66 -24.09 9.26
N ALA A 338 4.22 -23.03 9.92
CA ALA A 338 4.87 -22.53 11.14
C ALA A 338 3.88 -22.50 12.30
N PRO A 339 4.38 -22.70 13.53
CA PRO A 339 3.49 -22.76 14.70
C PRO A 339 2.91 -21.40 15.09
N ILE A 340 3.60 -20.32 14.76
CA ILE A 340 3.13 -18.97 15.05
C ILE A 340 3.21 -18.13 13.78
N GLN A 341 2.08 -17.51 13.41
CA GLN A 341 2.03 -16.74 12.18
C GLN A 341 1.49 -15.33 12.44
N ALA A 342 2.29 -14.34 12.09
CA ALA A 342 1.98 -12.94 12.45
C ALA A 342 1.88 -12.02 11.25
N MET A 343 0.89 -11.14 11.27
CA MET A 343 0.79 -10.05 10.29
C MET A 343 1.71 -8.90 10.73
N TRP A 344 2.48 -8.33 9.80
CA TRP A 344 3.39 -7.24 10.15
C TRP A 344 3.66 -6.27 9.00
N LEU A 345 3.23 -5.03 9.21
CA LEU A 345 3.76 -3.86 8.51
C LEU A 345 3.21 -3.60 7.10
N GLY A 346 3.16 -4.64 6.28
CA GLY A 346 2.76 -4.46 4.89
C GLY A 346 1.28 -4.23 4.65
N TYR A 347 0.43 -4.77 5.52
CA TYR A 347 -1.02 -4.65 5.33
C TYR A 347 -1.69 -3.91 6.49
N PRO A 348 -2.37 -2.80 6.18
CA PRO A 348 -2.93 -1.95 7.25
C PRO A 348 -4.36 -2.35 7.62
N GLY A 349 -4.54 -3.55 8.17
CA GLY A 349 -5.86 -4.01 8.55
C GLY A 349 -5.82 -5.47 8.98
N THR A 350 -6.96 -5.97 9.46
CA THR A 350 -7.05 -7.38 9.86
C THR A 350 -7.10 -8.31 8.64
N SER A 351 -6.54 -9.51 8.79
CA SER A 351 -6.65 -10.54 7.76
C SER A 351 -8.01 -11.21 7.86
N GLY A 352 -8.62 -11.12 9.04
CA GLY A 352 -9.87 -11.80 9.30
C GLY A 352 -9.73 -13.30 9.17
N ALA A 353 -8.50 -13.76 9.02
CA ALA A 353 -8.24 -15.12 8.55
C ALA A 353 -7.97 -16.13 9.66
N LEU A 354 -8.51 -17.34 9.50
CA LEU A 354 -8.30 -18.43 10.46
C LEU A 354 -6.80 -18.75 10.66
N PHE A 355 -5.99 -18.49 9.63
CA PHE A 355 -4.61 -18.95 9.63
C PHE A 355 -3.58 -17.92 10.14
N MET A 356 -4.04 -16.72 10.53
CA MET A 356 -3.14 -15.75 11.15
C MET A 356 -3.38 -15.67 12.65
N ASP A 357 -2.30 -15.62 13.41
CA ASP A 357 -2.40 -15.65 14.87
C ASP A 357 -2.35 -14.28 15.53
N TYR A 358 -1.46 -13.43 15.02
CA TYR A 358 -1.19 -12.15 15.64
C TYR A 358 -1.13 -11.07 14.60
N ILE A 359 -1.42 -9.85 15.04
CA ILE A 359 -1.05 -8.68 14.26
C ILE A 359 -0.13 -7.82 15.11
N ILE A 360 1.04 -7.49 14.55
CA ILE A 360 2.01 -6.66 15.25
C ILE A 360 1.60 -5.21 15.02
N THR A 361 1.30 -4.54 16.12
CA THR A 361 0.75 -3.20 16.07
C THR A 361 1.20 -2.48 17.33
N ASP A 362 0.40 -1.52 17.82
CA ASP A 362 0.75 -0.82 19.04
C ASP A 362 -0.48 -0.17 19.67
N GLN A 363 -0.32 0.27 20.92
CA GLN A 363 -1.43 0.77 21.71
C GLN A 363 -2.13 1.98 21.08
N GLU A 364 -1.37 2.81 20.37
CA GLU A 364 -1.94 4.01 19.77
C GLU A 364 -2.71 3.67 18.51
N THR A 365 -2.13 2.76 17.71
CA THR A 365 -2.71 2.32 16.45
C THR A 365 -3.93 1.43 16.70
N SER A 366 -3.78 0.48 17.62
CA SER A 366 -4.85 -0.47 17.89
C SER A 366 -5.12 -0.58 19.39
N PRO A 367 -5.78 0.45 19.97
CA PRO A 367 -6.10 0.38 21.40
C PRO A 367 -6.92 -0.85 21.74
N ALA A 368 -6.77 -1.35 22.95
CA ALA A 368 -7.40 -2.59 23.37
C ALA A 368 -8.92 -2.57 23.17
N GLU A 369 -9.53 -1.40 23.30
CA GLU A 369 -10.98 -1.30 23.21
C GLU A 369 -11.52 -1.61 21.81
N VAL A 370 -10.63 -1.67 20.82
CA VAL A 370 -11.04 -2.02 19.45
C VAL A 370 -10.56 -3.42 19.03
N ALA A 371 -10.37 -4.31 20.00
CA ALA A 371 -9.96 -5.67 19.68
C ALA A 371 -10.96 -6.37 18.76
N GLU A 372 -12.22 -5.98 18.88
CA GLU A 372 -13.29 -6.55 18.07
C GLU A 372 -13.14 -6.29 16.58
N GLN A 373 -12.26 -5.36 16.21
CA GLN A 373 -12.05 -5.04 14.79
C GLN A 373 -11.12 -6.03 14.11
N TYR A 374 -10.47 -6.88 14.90
CA TYR A 374 -9.42 -7.76 14.40
C TYR A 374 -9.71 -9.21 14.73
N SER A 375 -9.37 -10.11 13.80
CA SER A 375 -9.45 -11.54 14.08
C SER A 375 -8.21 -12.03 14.82
N GLU A 376 -7.08 -11.39 14.54
CA GLU A 376 -5.82 -11.72 15.19
C GLU A 376 -5.81 -11.21 16.63
N LYS A 377 -4.96 -11.82 17.47
CA LYS A 377 -4.66 -11.25 18.77
C LYS A 377 -3.70 -10.08 18.57
N LEU A 378 -3.84 -9.03 19.38
CA LEU A 378 -2.98 -7.87 19.24
C LEU A 378 -1.62 -8.13 19.86
N ALA A 379 -0.56 -7.77 19.14
CA ALA A 379 0.79 -7.89 19.67
C ALA A 379 1.47 -6.53 19.63
N TYR A 380 1.61 -5.90 20.78
CA TYR A 380 2.09 -4.51 20.84
C TYR A 380 3.62 -4.38 20.78
N MET A 381 4.10 -3.55 19.87
CA MET A 381 5.43 -2.99 19.97
C MET A 381 5.32 -1.87 21.00
N PRO A 382 6.43 -1.49 21.63
CA PRO A 382 6.34 -0.55 22.77
C PRO A 382 6.08 0.91 22.40
N HIS A 383 6.41 1.31 21.16
CA HIS A 383 6.17 2.69 20.75
C HIS A 383 5.21 2.74 19.58
N THR A 384 5.74 2.60 18.37
CA THR A 384 4.89 2.35 17.21
C THR A 384 5.39 1.10 16.48
N PHE A 385 4.50 0.40 15.80
CA PHE A 385 4.89 -0.76 15.01
C PHE A 385 5.49 -0.30 13.68
N PHE A 386 5.23 0.94 13.32
CA PHE A 386 5.80 1.46 12.09
C PHE A 386 7.30 1.73 12.22
N ILE A 387 7.99 1.62 11.10
CA ILE A 387 9.43 1.89 11.05
C ILE A 387 9.77 2.32 9.65
N GLY A 388 10.93 2.93 9.47
CA GLY A 388 11.38 3.39 8.17
C GLY A 388 12.89 3.36 8.10
N ASP A 389 13.43 3.17 6.90
CA ASP A 389 14.88 3.06 6.74
C ASP A 389 15.53 4.41 6.39
N HIS A 390 14.81 5.50 6.64
CA HIS A 390 15.27 6.83 6.25
C HIS A 390 16.68 7.22 6.73
N ALA A 391 17.04 6.83 7.94
CA ALA A 391 18.35 7.22 8.47
C ALA A 391 19.49 6.56 7.69
N ASN A 392 19.22 5.38 7.16
CA ASN A 392 20.20 4.66 6.34
C ASN A 392 20.14 5.10 4.89
N MET A 393 18.92 5.27 4.36
CA MET A 393 18.74 5.62 2.95
C MET A 393 19.05 7.08 2.64
N PHE A 394 18.64 7.99 3.52
CA PHE A 394 18.70 9.42 3.23
C PHE A 394 19.47 10.21 4.29
N PRO A 395 20.72 9.81 4.59
CA PRO A 395 21.48 10.48 5.65
C PRO A 395 21.88 11.90 5.25
N HIS A 396 21.82 12.22 3.97
CA HIS A 396 22.17 13.57 3.52
C HIS A 396 21.13 14.57 4.02
N LEU A 397 20.01 14.06 4.52
CA LEU A 397 18.92 14.92 4.97
C LEU A 397 18.93 15.12 6.49
N LYS A 398 19.92 14.51 7.16
CA LYS A 398 20.06 14.68 8.61
C LYS A 398 20.40 16.12 8.96
N LYS A 399 21.13 16.78 8.05
CA LYS A 399 21.47 18.18 8.23
C LYS A 399 21.06 18.99 7.01
N LYS A 400 20.90 20.30 7.18
CA LYS A 400 20.59 21.17 6.06
C LYS A 400 21.22 22.55 6.27
N ALA A 401 21.34 23.30 5.18
CA ALA A 401 21.71 24.69 5.23
C ALA A 401 20.73 25.41 4.33
N VAL A 402 20.62 26.74 4.48
CA VAL A 402 19.76 27.53 3.62
C VAL A 402 20.50 28.72 3.06
N ILE A 403 19.95 29.32 2.01
CA ILE A 403 20.48 30.58 1.50
C ILE A 403 19.54 31.71 1.91
N ASP A 404 20.11 32.78 2.44
CA ASP A 404 19.34 33.97 2.82
C ASP A 404 19.22 34.88 1.61
N PHE A 405 18.11 34.77 0.88
CA PHE A 405 17.96 35.47 -0.39
C PHE A 405 17.29 36.84 -0.25
N LYS A 406 16.87 37.18 0.96
CA LYS A 406 16.24 38.48 1.21
C LYS A 406 17.10 39.63 0.67
N ILE A 411 14.78 35.06 8.16
CA ILE A 411 15.45 33.90 7.56
C ILE A 411 14.57 32.66 7.56
N TYR A 412 14.15 32.23 6.37
CA TYR A 412 13.32 31.05 6.22
C TYR A 412 14.14 29.76 6.29
N ASP A 413 13.54 28.69 6.76
CA ASP A 413 14.23 27.41 6.80
C ASP A 413 13.82 26.51 5.63
N ASN A 414 12.98 27.01 4.74
CA ASN A 414 12.37 26.13 3.74
C ASN A 414 12.09 26.77 2.38
N ARG A 415 12.88 27.77 1.99
CA ARG A 415 12.70 28.41 0.69
C ARG A 415 13.76 27.95 -0.31
N ILE A 416 15.00 27.94 0.14
CA ILE A 416 16.13 27.41 -0.61
C ILE A 416 16.95 26.59 0.35
N VAL A 417 17.02 25.30 0.11
CA VAL A 417 17.64 24.37 1.02
C VAL A 417 18.80 23.64 0.35
N LEU A 418 19.88 23.44 1.09
CA LEU A 418 20.99 22.62 0.64
C LEU A 418 21.11 21.39 1.52
N ASN A 419 21.39 20.25 0.90
CA ASN A 419 21.71 19.02 1.64
C ASN A 419 22.89 18.34 0.98
N GLY A 420 23.71 17.66 1.75
CA GLY A 420 24.81 16.90 1.19
C GLY A 420 25.68 16.22 2.21
N ILE A 421 26.20 15.04 1.86
CA ILE A 421 27.12 14.34 2.73
C ILE A 421 28.35 15.19 3.04
N ASP A 422 28.77 16.01 2.07
CA ASP A 422 29.94 16.88 2.25
C ASP A 422 29.55 18.33 2.50
N LEU A 423 28.34 18.54 3.02
CA LEU A 423 27.83 19.90 3.21
C LEU A 423 28.69 20.75 4.15
N LYS A 424 29.11 20.18 5.27
CA LYS A 424 29.91 20.95 6.22
C LYS A 424 31.25 21.35 5.62
N ALA A 425 31.85 20.47 4.83
CA ALA A 425 33.13 20.77 4.17
C ALA A 425 32.94 21.90 3.19
N PHE A 426 31.81 21.88 2.49
CA PHE A 426 31.48 22.98 1.57
C PHE A 426 31.30 24.28 2.34
N LEU A 427 30.51 24.22 3.42
CA LEU A 427 30.26 25.41 4.22
C LEU A 427 31.55 25.97 4.82
N ASP A 428 32.49 25.10 5.17
CA ASP A 428 33.77 25.54 5.73
C ASP A 428 34.66 26.24 4.70
N SER A 429 34.34 26.07 3.42
CA SER A 429 35.12 26.69 2.35
C SER A 429 34.65 28.12 2.07
N LEU A 430 33.55 28.51 2.71
CA LEU A 430 33.01 29.85 2.56
C LEU A 430 33.42 30.74 3.73
N PRO A 431 33.71 32.02 3.46
CA PRO A 431 34.19 32.95 4.48
C PRO A 431 33.06 33.61 5.29
N ASP A 432 31.82 33.47 4.86
CA ASP A 432 30.73 34.25 5.47
C ASP A 432 29.49 33.44 5.88
N VAL A 433 29.68 32.20 6.31
CA VAL A 433 28.54 31.39 6.73
C VAL A 433 28.12 31.74 8.16
N LYS A 434 26.83 32.03 8.36
CA LYS A 434 26.30 32.31 9.68
C LYS A 434 25.54 31.09 10.20
N ILE A 435 25.37 31.01 11.52
CA ILE A 435 24.59 29.93 12.11
C ILE A 435 23.36 30.46 12.82
N VAL A 436 22.21 29.83 12.57
CA VAL A 436 21.01 30.08 13.34
C VAL A 436 20.79 28.94 14.33
N LYS A 437 20.90 29.24 15.61
CA LYS A 437 20.79 28.21 16.64
C LYS A 437 19.35 27.84 16.93
N MET A 438 19.03 26.55 16.81
CA MET A 438 17.68 26.05 17.04
C MET A 438 17.51 25.58 18.48
N LEU A 454 19.99 20.48 16.97
CA LEU A 454 21.08 21.04 16.18
C LEU A 454 20.66 22.36 15.53
N ASN A 455 21.60 23.03 14.88
CA ASN A 455 21.34 24.37 14.33
C ASN A 455 21.52 24.49 12.81
N MET A 456 21.17 25.66 12.27
CA MET A 456 21.02 25.85 10.84
C MET A 456 21.99 26.87 10.25
N PRO A 457 22.94 26.41 9.43
CA PRO A 457 23.85 27.34 8.78
C PRO A 457 23.16 28.10 7.65
N VAL A 458 23.53 29.36 7.50
CA VAL A 458 22.90 30.25 6.53
C VAL A 458 23.96 30.89 5.64
N ILE A 459 23.75 30.79 4.33
CA ILE A 459 24.64 31.43 3.36
C ILE A 459 24.00 32.75 2.95
N PRO A 460 24.72 33.87 3.15
CA PRO A 460 24.17 35.17 2.77
C PRO A 460 23.99 35.28 1.27
N MET A 461 23.38 36.37 0.80
CA MET A 461 23.13 36.55 -0.63
C MET A 461 24.38 37.05 -1.35
N ASN A 462 25.38 36.18 -1.46
CA ASN A 462 26.67 36.55 -2.05
C ASN A 462 26.84 36.02 -3.46
N THR A 463 28.06 36.10 -3.97
CA THR A 463 28.39 35.62 -5.31
C THR A 463 28.05 34.14 -5.44
N ILE A 464 28.35 33.37 -4.39
CA ILE A 464 28.08 31.94 -4.40
C ILE A 464 26.58 31.65 -4.40
N ALA A 465 25.81 32.46 -3.69
CA ALA A 465 24.37 32.26 -3.62
C ALA A 465 23.71 32.57 -4.98
N GLU A 466 24.18 33.61 -5.65
CA GLU A 466 23.66 33.95 -6.97
C GLU A 466 23.99 32.86 -7.99
N ALA A 467 25.17 32.27 -7.85
CA ALA A 467 25.59 31.20 -8.75
C ALA A 467 24.63 30.02 -8.66
N VAL A 468 24.26 29.66 -7.43
CA VAL A 468 23.31 28.57 -7.19
C VAL A 468 21.91 28.88 -7.72
N ILE A 469 21.44 30.08 -7.43
CA ILE A 469 20.11 30.50 -7.87
C ILE A 469 20.03 30.55 -9.40
N GLU A 470 21.08 31.05 -10.03
CA GLU A 470 21.16 31.09 -11.49
C GLU A 470 21.03 29.69 -12.08
N MET A 471 21.70 28.72 -11.46
CA MET A 471 21.62 27.34 -11.92
C MET A 471 20.17 26.86 -11.93
N ILE A 472 19.45 27.14 -10.85
CA ILE A 472 18.05 26.75 -10.75
C ILE A 472 17.21 27.45 -11.81
N ASN A 473 17.37 28.77 -11.93
CA ASN A 473 16.61 29.55 -12.90
C ASN A 473 16.91 29.19 -14.35
N ARG A 474 18.18 28.88 -14.63
CA ARG A 474 18.59 28.52 -15.98
C ARG A 474 18.32 27.04 -16.29
N GLY A 475 17.82 26.30 -15.31
CA GLY A 475 17.55 24.89 -15.47
C GLY A 475 18.81 24.07 -15.69
N GLN A 476 19.93 24.56 -15.18
CA GLN A 476 21.20 23.85 -15.30
C GLN A 476 21.23 22.65 -14.36
N ILE A 477 21.98 21.61 -14.74
CA ILE A 477 22.02 20.35 -14.01
C ILE A 477 22.90 20.43 -12.77
N GLN A 478 24.08 21.00 -12.92
CA GLN A 478 24.95 21.18 -11.77
C GLN A 478 26.09 22.12 -12.08
N ILE A 479 26.62 22.73 -11.02
CA ILE A 479 27.79 23.58 -11.14
C ILE A 479 28.83 23.11 -10.13
N THR A 480 30.00 23.72 -10.18
CA THR A 480 31.05 23.41 -9.22
C THR A 480 31.47 24.68 -8.49
N ILE A 481 31.58 24.59 -7.16
CA ILE A 481 31.99 25.72 -6.34
C ILE A 481 33.06 25.26 -5.35
N ASN A 482 34.24 25.87 -5.43
CA ASN A 482 35.34 25.51 -4.53
C ASN A 482 35.63 24.02 -4.58
N GLY A 483 35.46 23.44 -5.76
CA GLY A 483 35.73 22.03 -5.97
C GLY A 483 34.55 21.13 -5.63
N PHE A 484 33.50 21.71 -5.05
CA PHE A 484 32.32 20.93 -4.67
C PHE A 484 31.25 20.95 -5.75
N SER A 485 30.73 19.77 -6.09
CA SER A 485 29.64 19.68 -7.04
C SER A 485 28.33 20.08 -6.39
N ILE A 486 27.65 21.06 -6.98
CA ILE A 486 26.36 21.49 -6.50
C ILE A 486 25.31 21.13 -7.54
N SER A 487 24.39 20.25 -7.17
CA SER A 487 23.41 19.69 -8.10
C SER A 487 22.03 20.32 -7.99
N ASN A 488 21.37 20.46 -9.14
CA ASN A 488 19.97 20.85 -9.19
C ASN A 488 19.10 19.67 -8.76
N GLY A 489 18.26 19.90 -7.76
CA GLY A 489 17.48 18.81 -7.17
C GLY A 489 16.45 18.21 -8.12
N LEU A 490 16.15 18.91 -9.20
CA LEU A 490 15.22 18.41 -10.20
C LEU A 490 15.90 17.50 -11.22
N ALA A 491 17.22 17.39 -11.14
CA ALA A 491 17.98 16.70 -12.18
C ALA A 491 18.72 15.44 -11.69
N THR A 492 18.30 14.91 -10.56
CA THR A 492 18.98 13.77 -9.93
C THR A 492 19.11 12.53 -10.82
N THR A 493 18.09 12.24 -11.61
CA THR A 493 18.16 11.05 -12.47
C THR A 493 19.22 11.21 -13.56
N GLN A 494 19.54 12.46 -13.89
CA GLN A 494 20.56 12.76 -14.90
C GLN A 494 21.97 12.70 -14.31
N ILE A 495 22.05 12.73 -12.99
CA ILE A 495 23.34 12.73 -12.31
C ILE A 495 23.66 11.35 -11.78
N ASN A 496 22.69 10.73 -11.11
CA ASN A 496 22.86 9.38 -10.57
C ASN A 496 21.52 8.74 -10.30
N ASN A 497 21.06 7.86 -11.18
CA ASN A 497 19.73 7.29 -11.04
C ASN A 497 19.58 6.40 -9.80
N LYS A 498 20.69 5.82 -9.35
CA LYS A 498 20.69 5.02 -8.13
C LYS A 498 20.42 5.92 -6.92
N ALA A 499 20.96 7.14 -6.94
CA ALA A 499 20.69 8.09 -5.88
C ALA A 499 19.25 8.59 -5.91
N ALA A 500 18.66 8.61 -7.09
CA ALA A 500 17.28 9.08 -7.24
C ALA A 500 16.27 8.12 -6.64
N THR A 501 16.51 6.82 -6.82
CA THR A 501 15.59 5.79 -6.34
C THR A 501 15.77 5.48 -4.86
N GLY A 502 16.90 5.89 -4.31
CA GLY A 502 17.21 5.63 -2.92
C GLY A 502 18.09 4.41 -2.74
N GLU A 503 18.55 3.83 -3.85
CA GLU A 503 19.44 2.68 -3.80
C GLU A 503 20.84 3.09 -3.32
N GLU A 504 21.19 4.34 -3.56
CA GLU A 504 22.48 4.89 -3.15
C GLU A 504 22.26 6.24 -2.50
N VAL A 505 23.17 6.63 -1.62
CA VAL A 505 23.17 7.97 -1.05
C VAL A 505 23.80 8.95 -2.04
N PRO A 506 23.11 10.05 -2.35
CA PRO A 506 23.70 11.01 -3.26
C PRO A 506 25.03 11.53 -2.75
N ARG A 507 25.99 11.73 -3.64
CA ARG A 507 27.34 12.13 -3.24
C ARG A 507 27.61 13.61 -3.46
N THR A 508 26.66 14.32 -4.07
CA THR A 508 26.82 15.75 -4.28
C THR A 508 25.99 16.56 -3.29
N ILE A 509 26.25 17.86 -3.25
CA ILE A 509 25.38 18.78 -2.53
C ILE A 509 24.20 19.12 -3.41
N ILE A 510 23.00 18.90 -2.90
CA ILE A 510 21.80 19.09 -3.69
C ILE A 510 21.04 20.35 -3.29
N VAL A 511 20.56 21.10 -4.27
CA VAL A 511 19.80 22.32 -4.02
C VAL A 511 18.32 22.07 -4.27
N THR A 512 17.48 22.45 -3.31
CA THR A 512 16.03 22.28 -3.41
C THR A 512 15.38 23.63 -3.13
N THR A 513 14.48 24.06 -4.01
CA THR A 513 13.88 25.39 -3.83
C THR A 513 12.37 25.37 -4.09
N ARG A 514 11.66 26.25 -3.39
CA ARG A 514 10.25 26.43 -3.66
C ARG A 514 10.00 26.82 -5.10
N SER A 515 10.92 27.59 -5.69
CA SER A 515 10.76 28.00 -7.08
C SER A 515 10.77 26.83 -8.08
N GLN A 516 11.43 25.72 -7.72
CA GLN A 516 11.46 24.55 -8.57
C GLN A 516 10.05 23.98 -8.77
N TYR A 517 9.18 24.24 -7.80
CA TYR A 517 7.86 23.63 -7.82
C TYR A 517 6.73 24.63 -7.95
N GLY A 518 7.09 25.89 -8.16
CA GLY A 518 6.10 26.95 -8.31
C GLY A 518 5.41 27.29 -7.01
N LEU A 519 6.11 27.06 -5.90
CA LEU A 519 5.57 27.37 -4.57
C LEU A 519 5.85 28.83 -4.19
N PRO A 520 4.93 29.47 -3.46
CA PRO A 520 5.11 30.87 -3.08
C PRO A 520 6.29 31.07 -2.14
N GLU A 521 7.04 32.15 -2.33
CA GLU A 521 8.18 32.45 -1.48
C GLU A 521 7.74 33.06 -0.16
N ASP A 522 6.55 33.64 -0.15
CA ASP A 522 6.13 34.44 1.00
C ASP A 522 4.78 34.02 1.57
N ALA A 523 4.48 32.73 1.50
CA ALA A 523 3.25 32.21 2.08
C ALA A 523 3.44 30.82 2.68
N ILE A 524 2.51 30.42 3.52
CA ILE A 524 2.53 29.09 4.13
C ILE A 524 2.21 28.01 3.09
N VAL A 525 2.94 26.91 3.15
CA VAL A 525 2.70 25.77 2.29
C VAL A 525 2.25 24.60 3.15
N TYR A 526 0.99 24.19 2.94
CA TYR A 526 0.48 22.97 3.54
C TYR A 526 0.62 21.88 2.49
N CYS A 527 1.20 20.74 2.84
CA CYS A 527 1.34 19.68 1.84
C CYS A 527 0.60 18.39 2.20
N ASN A 528 0.38 17.55 1.20
CA ASN A 528 0.04 16.15 1.40
C ASN A 528 0.50 15.40 0.17
N PHE A 529 1.40 14.43 0.36
CA PHE A 529 2.03 13.74 -0.74
C PHE A 529 1.47 12.33 -0.97
N ASN A 530 0.30 12.04 -0.41
CA ASN A 530 -0.33 10.74 -0.58
C ASN A 530 -0.99 10.54 -1.94
N GLN A 531 -1.20 9.30 -2.31
CA GLN A 531 -2.09 9.00 -3.43
C GLN A 531 -3.44 9.66 -3.17
N LEU A 532 -4.04 10.21 -4.21
CA LEU A 532 -5.27 11.01 -4.07
C LEU A 532 -6.48 10.23 -3.57
N TYR A 533 -6.45 8.90 -3.69
CA TYR A 533 -7.59 8.08 -3.28
C TYR A 533 -7.88 8.21 -1.77
N LYS A 534 -6.90 8.67 -1.02
CA LYS A 534 -7.04 8.81 0.43
C LYS A 534 -7.85 10.04 0.82
N ILE A 535 -8.11 10.92 -0.14
CA ILE A 535 -8.92 12.11 0.10
C ILE A 535 -10.40 11.81 -0.13
N ASP A 536 -11.26 12.36 0.74
CA ASP A 536 -12.71 12.32 0.54
C ASP A 536 -13.30 13.74 0.64
N PRO A 537 -14.58 13.91 0.32
CA PRO A 537 -15.18 15.26 0.35
C PRO A 537 -15.00 15.97 1.71
N SER A 538 -15.21 15.26 2.81
CA SER A 538 -15.07 15.85 4.15
C SER A 538 -13.67 16.38 4.41
N THR A 539 -12.67 15.65 3.93
CA THR A 539 -11.27 16.04 4.09
C THR A 539 -10.95 17.29 3.28
N LEU A 540 -11.32 17.31 2.01
CA LEU A 540 -11.06 18.49 1.21
C LEU A 540 -11.75 19.72 1.81
N GLN A 541 -12.93 19.53 2.39
CA GLN A 541 -13.65 20.63 3.04
C GLN A 541 -12.88 21.17 4.25
N MET A 542 -12.32 20.27 5.06
CA MET A 542 -11.49 20.67 6.19
C MET A 542 -10.34 21.54 5.70
N TRP A 543 -9.65 21.04 4.67
CA TRP A 543 -8.52 21.72 4.07
C TRP A 543 -8.91 23.10 3.56
N ALA A 544 -10.07 23.19 2.90
CA ALA A 544 -10.56 24.48 2.43
C ALA A 544 -10.82 25.43 3.60
N ASN A 545 -11.35 24.89 4.70
CA ASN A 545 -11.61 25.71 5.88
C ASN A 545 -10.32 26.32 6.41
N ILE A 546 -9.26 25.50 6.41
CA ILE A 546 -7.94 25.94 6.84
C ILE A 546 -7.40 27.04 5.92
N LEU A 547 -7.44 26.79 4.61
CA LEU A 547 -6.95 27.78 3.66
C LEU A 547 -7.68 29.14 3.74
N LYS A 548 -8.98 29.10 4.00
CA LYS A 548 -9.75 30.34 4.10
C LYS A 548 -9.37 31.13 5.35
N ARG A 549 -9.02 30.41 6.41
CA ARG A 549 -8.63 31.05 7.67
C ARG A 549 -7.17 31.50 7.66
N VAL A 550 -6.39 30.99 6.71
CA VAL A 550 -4.99 31.37 6.56
C VAL A 550 -4.79 31.91 5.16
N PRO A 551 -5.24 33.16 4.92
CA PRO A 551 -5.22 33.82 3.60
C PRO A 551 -3.92 33.57 2.85
N ASN A 552 -2.80 33.73 3.56
CA ASN A 552 -1.50 33.63 2.93
C ASN A 552 -0.95 32.21 2.98
N SER A 553 -1.60 31.30 2.24
CA SER A 553 -1.23 29.88 2.23
C SER A 553 -1.71 29.15 0.97
N VAL A 554 -1.02 28.05 0.64
CA VAL A 554 -1.42 27.19 -0.46
C VAL A 554 -1.41 25.74 -0.01
N LEU A 555 -2.11 24.89 -0.74
CA LEU A 555 -2.09 23.45 -0.53
C LEU A 555 -1.27 22.82 -1.66
N TRP A 556 -0.34 21.94 -1.28
CA TRP A 556 0.58 21.30 -2.22
C TRP A 556 0.25 19.81 -2.29
N LEU A 557 -0.20 19.36 -3.47
CA LEU A 557 -0.61 17.98 -3.67
C LEU A 557 0.11 17.41 -4.89
N LEU A 558 0.01 16.08 -5.08
CA LEU A 558 0.67 15.45 -6.22
C LEU A 558 -0.33 14.91 -7.24
N ARG A 559 0.07 14.93 -8.51
CA ARG A 559 -0.66 14.27 -9.59
C ARG A 559 -0.49 12.76 -9.43
N PHE A 560 -1.33 12.19 -8.57
CA PHE A 560 -1.15 10.83 -8.09
C PHE A 560 -2.50 10.14 -8.03
N PRO A 561 -3.17 9.95 -9.19
CA PRO A 561 -2.72 10.26 -10.55
C PRO A 561 -3.17 11.63 -11.07
N ALA A 562 -2.58 12.06 -12.18
CA ALA A 562 -2.86 13.37 -12.78
C ALA A 562 -4.34 13.63 -13.11
N VAL A 563 -5.09 12.59 -13.48
CA VAL A 563 -6.49 12.76 -13.82
C VAL A 563 -7.36 13.09 -12.58
N GLY A 564 -6.79 12.98 -11.39
CA GLY A 564 -7.49 13.41 -10.19
C GLY A 564 -7.42 14.91 -9.98
N GLU A 565 -6.41 15.54 -10.57
CA GLU A 565 -6.18 16.98 -10.39
C GLU A 565 -7.38 17.87 -10.74
N PRO A 566 -7.92 17.72 -11.96
CA PRO A 566 -9.06 18.57 -12.33
C PRO A 566 -10.29 18.34 -11.44
N ASN A 567 -10.43 17.14 -10.89
CA ASN A 567 -11.56 16.86 -10.00
C ASN A 567 -11.42 17.60 -8.69
N ILE A 568 -10.26 17.46 -8.06
CA ILE A 568 -9.98 18.16 -6.82
CA ILE A 568 -9.98 18.16 -6.82
C ILE A 568 -10.13 19.66 -7.04
N GLN A 569 -9.57 20.17 -8.13
CA GLN A 569 -9.70 21.59 -8.44
C GLN A 569 -11.18 22.02 -8.52
N GLN A 570 -12.00 21.23 -9.22
CA GLN A 570 -13.42 21.56 -9.35
C GLN A 570 -14.12 21.66 -7.99
N TYR A 571 -13.90 20.67 -7.13
CA TYR A 571 -14.50 20.68 -5.81
C TYR A 571 -13.96 21.85 -4.96
N ALA A 572 -12.66 22.11 -5.06
CA ALA A 572 -12.06 23.20 -4.33
C ALA A 572 -12.57 24.58 -4.79
N GLN A 573 -12.67 24.76 -6.10
CA GLN A 573 -13.18 26.02 -6.64
C GLN A 573 -14.61 26.23 -6.18
N ASN A 574 -15.38 25.16 -6.15
CA ASN A 574 -16.77 25.23 -5.74
C ASN A 574 -16.88 25.58 -4.25
N MET A 575 -15.87 25.18 -3.47
CA MET A 575 -15.81 25.53 -2.05
C MET A 575 -15.32 26.95 -1.84
N GLY A 576 -14.90 27.61 -2.91
CA GLY A 576 -14.50 29.01 -2.82
C GLY A 576 -13.01 29.27 -2.89
N LEU A 577 -12.22 28.25 -3.24
CA LEU A 577 -10.77 28.41 -3.36
C LEU A 577 -10.33 28.63 -4.81
N PRO A 578 -9.67 29.76 -5.10
CA PRO A 578 -9.20 29.93 -6.47
C PRO A 578 -8.16 28.87 -6.85
N GLN A 579 -8.04 28.63 -8.15
CA GLN A 579 -7.16 27.57 -8.66
C GLN A 579 -5.72 27.76 -8.20
N ASN A 580 -5.28 29.01 -8.04
CA ASN A 580 -3.91 29.24 -7.65
C ASN A 580 -3.57 28.94 -6.18
N ARG A 581 -4.56 28.55 -5.38
CA ARG A 581 -4.31 28.18 -3.98
C ARG A 581 -3.96 26.70 -3.84
N ILE A 582 -4.15 25.93 -4.91
CA ILE A 582 -3.80 24.52 -4.89
C ILE A 582 -2.74 24.25 -5.95
N ILE A 583 -1.55 23.88 -5.50
CA ILE A 583 -0.44 23.64 -6.41
C ILE A 583 -0.18 22.15 -6.52
N PHE A 584 -0.15 21.67 -7.76
CA PHE A 584 0.11 20.26 -8.04
C PHE A 584 1.52 20.07 -8.59
N SER A 585 2.19 19.02 -8.15
CA SER A 585 3.48 18.63 -8.71
C SER A 585 3.39 17.18 -9.14
N PRO A 586 4.25 16.77 -10.08
CA PRO A 586 4.28 15.35 -10.46
C PRO A 586 4.89 14.49 -9.36
N VAL A 587 4.55 13.21 -9.37
CA VAL A 587 5.22 12.25 -8.52
C VAL A 587 6.70 12.26 -8.89
N ALA A 588 7.58 12.20 -7.89
CA ALA A 588 9.00 12.32 -8.14
C ALA A 588 9.71 11.03 -7.75
N PRO A 589 10.98 10.89 -8.18
CA PRO A 589 11.78 9.76 -7.67
C PRO A 589 11.80 9.81 -6.14
N LYS A 590 11.99 8.65 -5.52
CA LYS A 590 11.95 8.51 -4.07
C LYS A 590 12.73 9.60 -3.33
N GLU A 591 13.99 9.78 -3.71
CA GLU A 591 14.87 10.72 -3.00
C GLU A 591 14.38 12.15 -3.09
N GLU A 592 13.98 12.58 -4.28
CA GLU A 592 13.46 13.93 -4.48
C GLU A 592 12.15 14.16 -3.69
N HIS A 593 11.32 13.12 -3.63
CA HIS A 593 10.05 13.21 -2.90
C HIS A 593 10.28 13.47 -1.40
N VAL A 594 11.15 12.68 -0.79
CA VAL A 594 11.48 12.89 0.61
C VAL A 594 12.17 14.24 0.83
N ARG A 595 13.13 14.55 -0.04
CA ARG A 595 13.89 15.79 0.07
C ARG A 595 13.02 17.05 -0.06
N ARG A 596 12.05 17.04 -0.98
CA ARG A 596 11.28 18.26 -1.24
C ARG A 596 10.24 18.54 -0.14
N GLY A 597 9.96 17.54 0.70
CA GLY A 597 9.15 17.77 1.87
C GLY A 597 9.71 18.86 2.78
N GLN A 598 11.01 19.14 2.65
CA GLN A 598 11.67 20.19 3.43
C GLN A 598 11.14 21.58 3.05
N LEU A 599 10.46 21.68 1.91
CA LEU A 599 9.98 22.96 1.43
C LEU A 599 8.63 23.34 2.03
N ALA A 600 7.90 22.36 2.55
CA ALA A 600 6.61 22.62 3.16
C ALA A 600 6.77 23.22 4.55
N ASP A 601 5.75 23.93 4.99
CA ASP A 601 5.66 24.36 6.38
C ASP A 601 5.01 23.29 7.26
N VAL A 602 3.90 22.74 6.78
CA VAL A 602 3.11 21.76 7.53
C VAL A 602 2.48 20.73 6.60
N CYS A 603 2.41 19.47 7.03
CA CYS A 603 1.70 18.44 6.27
C CYS A 603 0.32 18.24 6.90
N LEU A 604 -0.71 18.23 6.05
CA LEU A 604 -2.07 17.93 6.51
C LEU A 604 -2.41 16.47 6.20
N ASP A 605 -2.43 15.63 7.23
CA ASP A 605 -2.66 14.20 7.01
C ASP A 605 -4.11 13.92 6.61
N THR A 606 -4.31 12.88 5.80
CA THR A 606 -5.64 12.43 5.39
C THR A 606 -6.25 11.54 6.48
N PRO A 607 -7.40 11.96 7.06
CA PRO A 607 -8.01 11.16 8.14
C PRO A 607 -8.63 9.86 7.66
N LEU A 608 -9.07 9.80 6.40
CA LEU A 608 -9.72 8.58 5.91
C LEU A 608 -8.77 7.39 5.93
N CYS A 609 -7.59 7.60 5.35
CA CYS A 609 -6.49 6.66 5.43
C CYS A 609 -5.25 7.53 5.50
N ASN A 610 -4.51 7.42 6.60
CA ASN A 610 -3.34 8.26 6.82
C ASN A 610 -2.21 8.01 5.82
N GLY A 611 -1.23 8.90 5.82
CA GLY A 611 0.05 8.56 5.26
C GLY A 611 0.66 7.52 6.19
N HIS A 612 1.25 6.49 5.61
CA HIS A 612 1.97 5.48 6.38
C HIS A 612 3.46 5.62 6.05
N THR A 613 3.90 5.00 4.96
CA THR A 613 5.23 5.30 4.43
C THR A 613 5.34 6.81 4.22
N THR A 614 4.27 7.39 3.69
CA THR A 614 4.28 8.80 3.33
C THR A 614 4.41 9.68 4.57
N GLY A 615 3.86 9.21 5.68
CA GLY A 615 4.00 9.89 6.95
C GLY A 615 5.44 9.91 7.42
N MET A 616 6.11 8.76 7.33
CA MET A 616 7.52 8.68 7.72
C MET A 616 8.36 9.58 6.83
N ASP A 617 8.04 9.59 5.54
CA ASP A 617 8.75 10.44 4.58
C ASP A 617 8.73 11.91 4.98
N VAL A 618 7.54 12.39 5.34
CA VAL A 618 7.39 13.82 5.61
C VAL A 618 8.04 14.20 6.94
N LEU A 619 7.97 13.31 7.92
CA LEU A 619 8.60 13.56 9.21
C LEU A 619 10.13 13.56 9.09
N TRP A 620 10.68 12.73 8.20
CA TRP A 620 12.13 12.70 8.02
C TRP A 620 12.64 14.05 7.50
N ALA A 621 11.77 14.78 6.82
CA ALA A 621 12.14 16.10 6.33
C ALA A 621 12.05 17.16 7.43
N GLY A 622 11.48 16.79 8.57
CA GLY A 622 11.33 17.73 9.68
C GLY A 622 10.06 18.53 9.57
N THR A 623 9.12 18.02 8.80
CA THR A 623 7.84 18.70 8.56
C THR A 623 6.76 18.22 9.52
N PRO A 624 6.23 19.13 10.36
CA PRO A 624 5.14 18.74 11.26
C PRO A 624 3.95 18.22 10.46
N MET A 625 3.29 17.19 10.98
CA MET A 625 2.11 16.62 10.33
C MET A 625 0.91 16.70 11.27
N VAL A 626 -0.18 17.30 10.81
CA VAL A 626 -1.41 17.36 11.61
C VAL A 626 -2.30 16.18 11.23
N THR A 627 -2.77 15.43 12.23
CA THR A 627 -3.58 14.25 11.98
C THR A 627 -4.82 14.15 12.89
N MET A 628 -5.85 13.46 12.41
CA MET A 628 -7.05 13.19 13.22
C MET A 628 -7.32 11.70 13.18
N PRO A 629 -6.87 10.95 14.21
CA PRO A 629 -7.02 9.49 14.14
C PRO A 629 -8.47 9.07 14.22
N GLY A 630 -8.81 8.02 13.48
CA GLY A 630 -10.16 7.50 13.43
C GLY A 630 -10.25 6.22 14.24
N GLU A 631 -10.98 5.25 13.71
CA GLU A 631 -11.17 3.99 14.40
C GLU A 631 -10.40 2.85 13.73
N THR A 632 -10.32 2.89 12.40
CA THR A 632 -9.60 1.85 11.66
C THR A 632 -8.11 1.98 11.86
N LEU A 633 -7.40 0.87 11.71
CA LEU A 633 -5.94 0.86 11.83
C LEU A 633 -5.34 1.88 10.88
N ALA A 634 -5.81 1.88 9.63
CA ALA A 634 -5.25 2.75 8.60
C ALA A 634 -5.43 4.23 8.93
N SER A 635 -6.46 4.55 9.70
CA SER A 635 -6.74 5.94 10.05
C SER A 635 -6.00 6.41 11.30
N ARG A 636 -5.22 5.53 11.92
CA ARG A 636 -4.59 5.84 13.21
C ARG A 636 -3.06 5.78 13.20
N VAL A 637 -2.49 5.36 12.08
CA VAL A 637 -1.05 5.17 11.98
C VAL A 637 -0.25 6.47 12.15
N ALA A 638 -0.74 7.56 11.56
CA ALA A 638 -0.03 8.82 11.65
C ALA A 638 0.05 9.31 13.10
N ALA A 639 -1.04 9.16 13.84
CA ALA A 639 -1.04 9.56 15.25
C ALA A 639 -0.05 8.69 16.06
N SER A 640 0.06 7.42 15.69
CA SER A 640 1.03 6.53 16.33
C SER A 640 2.45 7.02 16.04
N GLN A 641 2.72 7.44 14.80
CA GLN A 641 4.05 7.95 14.46
C GLN A 641 4.37 9.20 15.29
N LEU A 642 3.40 10.10 15.39
CA LEU A 642 3.60 11.36 16.10
C LEU A 642 3.73 11.15 17.61
N THR A 643 3.03 10.16 18.14
CA THR A 643 3.16 9.84 19.55
C THR A 643 4.56 9.31 19.86
N CYS A 644 5.11 8.53 18.93
CA CYS A 644 6.46 8.01 19.12
C CYS A 644 7.47 9.16 19.02
N LEU A 645 7.24 10.04 18.06
CA LEU A 645 8.08 11.20 17.84
C LEU A 645 8.09 12.12 19.06
N GLY A 646 6.96 12.16 19.77
CA GLY A 646 6.82 13.00 20.94
C GLY A 646 6.17 14.34 20.65
N CYS A 647 5.18 14.33 19.74
CA CYS A 647 4.50 15.54 19.31
C CYS A 647 2.98 15.40 19.39
N LEU A 648 2.47 15.31 20.62
CA LEU A 648 1.05 15.09 20.84
C LEU A 648 0.20 16.29 20.43
N GLU A 649 0.82 17.46 20.36
CA GLU A 649 0.10 18.68 20.02
C GLU A 649 -0.39 18.68 18.56
N LEU A 650 0.07 17.70 17.79
CA LEU A 650 -0.30 17.61 16.39
C LEU A 650 -1.45 16.62 16.16
N ILE A 651 -1.95 16.04 17.24
CA ILE A 651 -3.01 15.03 17.13
C ILE A 651 -4.36 15.64 17.52
N ALA A 652 -5.28 15.67 16.57
CA ALA A 652 -6.59 16.28 16.77
C ALA A 652 -7.64 15.24 17.16
N LYS A 653 -8.52 15.61 18.09
CA LYS A 653 -9.56 14.72 18.57
C LYS A 653 -10.84 14.85 17.74
N ASN A 654 -10.91 15.90 16.93
CA ASN A 654 -12.07 16.12 16.07
C ASN A 654 -11.75 17.08 14.94
N ARG A 655 -12.71 17.29 14.04
CA ARG A 655 -12.48 18.15 12.87
C ARG A 655 -12.13 19.59 13.25
N GLN A 656 -12.84 20.16 14.22
CA GLN A 656 -12.58 21.53 14.64
C GLN A 656 -11.16 21.72 15.14
N GLU A 657 -10.66 20.74 15.91
CA GLU A 657 -9.31 20.81 16.45
C GLU A 657 -8.24 20.64 15.38
N TYR A 658 -8.48 19.73 14.44
CA TYR A 658 -7.59 19.53 13.31
C TYR A 658 -7.43 20.87 12.60
N GLU A 659 -8.56 21.52 12.31
CA GLU A 659 -8.54 22.82 11.66
C GLU A 659 -7.84 23.87 12.54
N ASP A 660 -8.19 23.92 13.82
CA ASP A 660 -7.59 24.90 14.72
C ASP A 660 -6.07 24.76 14.80
N ILE A 661 -5.60 23.53 14.86
CA ILE A 661 -4.17 23.27 14.95
C ILE A 661 -3.44 23.72 13.70
N ALA A 662 -3.98 23.37 12.54
CA ALA A 662 -3.36 23.74 11.27
C ALA A 662 -3.35 25.25 11.10
N VAL A 663 -4.45 25.89 11.50
CA VAL A 663 -4.55 27.35 11.40
C VAL A 663 -3.57 28.03 12.35
N LYS A 664 -3.41 27.49 13.56
CA LYS A 664 -2.43 28.07 14.47
C LYS A 664 -1.01 27.98 13.89
N LEU A 665 -0.67 26.83 13.34
CA LEU A 665 0.66 26.63 12.76
C LEU A 665 0.92 27.56 11.59
N GLY A 666 -0.16 27.91 10.88
CA GLY A 666 -0.04 28.77 9.72
C GLY A 666 -0.10 30.26 10.02
N THR A 667 -0.48 30.63 11.25
CA THR A 667 -0.63 32.04 11.59
C THR A 667 0.30 32.51 12.71
N ASP A 668 0.72 31.60 13.57
CA ASP A 668 1.62 31.91 14.66
C ASP A 668 3.01 31.40 14.27
N LEU A 669 3.81 32.27 13.65
CA LEU A 669 5.09 31.85 13.09
C LEU A 669 6.13 31.46 14.15
N GLU A 670 6.03 32.04 15.34
CA GLU A 670 6.88 31.61 16.44
C GLU A 670 6.52 30.20 16.91
N TYR A 671 5.22 29.90 16.92
CA TYR A 671 4.76 28.56 17.28
C TYR A 671 5.17 27.56 16.19
N LEU A 672 5.07 27.97 14.93
CA LEU A 672 5.48 27.12 13.82
C LEU A 672 6.96 26.74 13.92
N LYS A 673 7.79 27.74 14.19
CA LYS A 673 9.23 27.54 14.36
C LYS A 673 9.56 26.55 15.48
N LYS A 674 8.86 26.67 16.61
CA LYS A 674 9.08 25.77 17.74
C LYS A 674 8.69 24.34 17.43
N VAL A 675 7.55 24.16 16.77
CA VAL A 675 7.08 22.83 16.42
C VAL A 675 7.95 22.19 15.33
N ARG A 676 8.41 22.99 14.37
CA ARG A 676 9.29 22.47 13.34
C ARG A 676 10.64 22.04 13.94
N GLY A 677 11.12 22.81 14.91
CA GLY A 677 12.37 22.47 15.57
C GLY A 677 12.23 21.18 16.36
N LYS A 678 11.08 21.02 16.99
CA LYS A 678 10.77 19.81 17.75
C LYS A 678 10.84 18.58 16.83
N VAL A 679 10.13 18.64 15.71
CA VAL A 679 10.17 17.55 14.74
C VAL A 679 11.59 17.31 14.22
N TRP A 680 12.27 18.39 13.83
CA TRP A 680 13.63 18.29 13.31
C TRP A 680 14.55 17.55 14.27
N LYS A 681 14.48 17.92 15.55
CA LYS A 681 15.32 17.27 16.55
C LYS A 681 14.87 15.84 16.85
N GLN A 682 13.57 15.67 17.02
CA GLN A 682 13.05 14.40 17.54
C GLN A 682 12.99 13.26 16.53
N ARG A 683 13.07 13.57 15.25
CA ARG A 683 13.17 12.50 14.26
C ARG A 683 14.47 11.73 14.54
N ILE A 684 15.41 12.40 15.18
CA ILE A 684 16.71 11.80 15.49
C ILE A 684 16.74 11.22 16.92
N SER A 685 16.26 12.01 17.88
CA SER A 685 16.35 11.62 19.29
C SER A 685 15.31 10.59 19.72
N SER A 686 14.17 10.56 19.04
CA SER A 686 13.11 9.60 19.38
C SER A 686 13.40 8.24 18.76
N PRO A 687 12.59 7.23 19.09
CA PRO A 687 12.81 5.88 18.53
C PRO A 687 12.31 5.72 17.10
N LEU A 688 11.68 6.75 16.53
CA LEU A 688 10.86 6.55 15.35
C LEU A 688 11.62 6.00 14.14
N PHE A 689 12.82 6.52 13.90
CA PHE A 689 13.63 6.09 12.76
C PHE A 689 14.79 5.20 13.20
N ASN A 690 14.74 4.73 14.43
CA ASN A 690 15.85 3.98 14.99
C ASN A 690 15.66 2.48 14.75
N THR A 691 16.22 1.98 13.64
CA THR A 691 15.99 0.60 13.24
C THR A 691 16.70 -0.40 14.16
N LYS A 692 17.84 0.01 14.71
CA LYS A 692 18.54 -0.81 15.67
C LYS A 692 17.65 -1.09 16.88
N GLN A 693 17.11 -0.02 17.46
CA GLN A 693 16.20 -0.13 18.59
C GLN A 693 14.91 -0.90 18.25
N TYR A 694 14.29 -0.56 17.13
CA TYR A 694 13.09 -1.25 16.67
C TYR A 694 13.32 -2.77 16.62
N THR A 695 14.43 -3.18 16.00
CA THR A 695 14.70 -4.61 15.84
C THR A 695 14.81 -5.29 17.19
N MET A 696 15.48 -4.65 18.14
CA MET A 696 15.63 -5.23 19.47
C MET A 696 14.27 -5.41 20.16
N GLU A 697 13.39 -4.44 19.99
CA GLU A 697 12.04 -4.52 20.55
C GLU A 697 11.22 -5.58 19.82
N LEU A 698 11.43 -5.70 18.53
CA LEU A 698 10.73 -6.71 17.73
C LEU A 698 11.12 -8.10 18.23
N GLU A 699 12.41 -8.27 18.50
CA GLU A 699 12.93 -9.53 19.00
C GLU A 699 12.32 -9.89 20.36
N ARG A 700 12.28 -8.93 21.26
CA ARG A 700 11.67 -9.16 22.57
C ARG A 700 10.23 -9.63 22.41
N LEU A 701 9.52 -9.02 21.46
CA LEU A 701 8.15 -9.42 21.17
C LEU A 701 8.08 -10.85 20.60
N TYR A 702 8.96 -11.17 19.65
CA TYR A 702 9.02 -12.51 19.11
C TYR A 702 9.20 -13.53 20.23
N LEU A 703 10.14 -13.24 21.13
CA LEU A 703 10.40 -14.16 22.23
C LEU A 703 9.21 -14.31 23.19
N GLN A 704 8.41 -13.25 23.33
CA GLN A 704 7.19 -13.35 24.13
C GLN A 704 6.24 -14.35 23.47
N MET A 705 6.06 -14.20 22.16
CA MET A 705 5.19 -15.08 21.37
C MET A 705 5.65 -16.52 21.49
N TRP A 706 6.94 -16.74 21.33
CA TRP A 706 7.50 -18.09 21.40
C TRP A 706 7.36 -18.71 22.79
N GLU A 707 7.76 -17.97 23.82
CA GLU A 707 7.70 -18.51 25.16
C GLU A 707 6.26 -18.93 25.48
N HIS A 708 5.33 -18.12 25.00
CA HIS A 708 3.90 -18.38 25.18
C HIS A 708 3.50 -19.68 24.49
N TYR A 709 3.93 -19.83 23.24
CA TYR A 709 3.63 -21.05 22.48
C TYR A 709 4.31 -22.28 23.05
N ALA A 710 5.57 -22.11 23.46
CA ALA A 710 6.34 -23.22 24.02
C ALA A 710 5.76 -23.70 25.34
N ALA A 711 5.03 -22.84 26.04
CA ALA A 711 4.39 -23.23 27.29
C ALA A 711 3.06 -23.94 27.03
N GLY A 712 2.70 -24.06 25.76
CA GLY A 712 1.51 -24.81 25.37
C GLY A 712 0.27 -23.95 25.20
N ASN A 713 0.46 -22.64 25.14
CA ASN A 713 -0.67 -21.73 25.00
C ASN A 713 -1.07 -21.45 23.56
N LYS A 714 -2.37 -21.23 23.34
CA LYS A 714 -2.85 -20.66 22.09
C LYS A 714 -2.55 -19.17 22.13
N PRO A 715 -2.65 -18.50 20.97
CA PRO A 715 -2.37 -17.06 20.96
C PRO A 715 -3.28 -16.29 21.92
N ASP A 716 -2.73 -15.27 22.55
CA ASP A 716 -3.52 -14.33 23.32
C ASP A 716 -2.93 -12.93 23.15
N HIS A 717 -3.70 -11.90 23.46
CA HIS A 717 -3.19 -10.53 23.29
C HIS A 717 -1.90 -10.32 24.10
N MET A 718 -0.89 -9.76 23.43
CA MET A 718 0.33 -9.35 24.11
C MET A 718 0.32 -7.82 24.20
N ILE A 719 -0.37 -7.30 25.21
CA ILE A 719 -0.64 -5.86 25.28
C ILE A 719 -0.21 -5.25 26.61
N LYS A 720 0.34 -6.09 27.48
CA LYS A 720 0.79 -5.67 28.81
C LYS A 720 0.00 -4.47 29.34
N GLU B 3 -4.45 -5.67 -8.26
CA GLU B 3 -4.96 -6.80 -9.04
C GLU B 3 -6.48 -6.91 -8.97
N THR B 4 -7.18 -6.21 -9.85
CA THR B 4 -8.63 -6.13 -9.78
C THR B 4 -9.30 -7.45 -10.13
N GLY B 5 -10.20 -7.89 -9.25
CA GLY B 5 -10.91 -9.14 -9.45
C GLY B 5 -11.85 -9.08 -10.65
N THR B 6 -12.21 -10.24 -11.17
CA THR B 6 -13.07 -10.33 -12.34
C THR B 6 -14.32 -11.13 -12.01
N THR B 7 -15.21 -11.25 -12.99
CA THR B 7 -16.51 -11.90 -12.82
C THR B 7 -16.66 -13.08 -13.79
N ASN B 8 -16.75 -14.30 -13.26
CA ASN B 8 -17.06 -15.44 -14.11
C ASN B 8 -18.54 -15.49 -14.44
N THR B 9 -18.86 -15.90 -15.66
CA THR B 9 -20.25 -16.01 -16.07
C THR B 9 -20.67 -17.48 -16.05
N ALA B 10 -21.73 -17.78 -15.32
CA ALA B 10 -22.25 -19.14 -15.28
C ALA B 10 -23.27 -19.31 -16.40
N THR B 11 -22.99 -20.22 -17.33
CA THR B 11 -23.89 -20.42 -18.46
C THR B 11 -24.97 -21.43 -18.12
N THR B 12 -26.22 -21.03 -18.31
CA THR B 12 -27.36 -21.93 -18.10
C THR B 12 -27.86 -22.48 -19.43
#